data_3H3A
#
_entry.id   3H3A
#
_cell.length_a   190.451
_cell.length_b   63.586
_cell.length_c   152.578
_cell.angle_alpha   90.00
_cell.angle_beta   103.31
_cell.angle_gamma   90.00
#
_symmetry.space_group_name_H-M   'C 1 2 1'
#
loop_
_entity.id
_entity.type
_entity.pdbx_description
1 polymer 'TRNA nucleotidyl transferase-related protein'
2 non-polymer "CYTIDINE-5'-TRIPHOSPHATE"
3 water water
#
_entity_poly.entity_id   1
_entity_poly.type   'polypeptide(L)'
_entity_poly.pdbx_seq_one_letter_code
;MQIFRDVSKLLVERVDPKILNLFRLLGKFGDEVNMPVYVVGGFVRDLLLGIKNLDIDIVVEGNALEFAEYAKRFLPGKLV
KHDKFMTASLFLKGGLRIDIATARLEYYESPAKLPDVEMSTIKKDLYRRDFTINAMAIKLNPKDFGLLIDFFGGYRDLKE
GVIRVLHTLSFVDDPTRILRAIRFEQRFDFRIEETTERLLKQAVEEGYLERTTGPRLRQELEKILEEKNPLKSIRRMAQF
DVIKHLFPKTYYTPSMDEKMENLFRNIPWVEENFGEVDRFYAVLHVFLEFYDDESWKEVRDRYSLRRNLINEIRHVEKSA
PALLEMLSERVPASFVYPLVKGVSNETICHFLAYLSGEKEGLFKSYLLKIKNTKLEKINGEYLIRKGITSGKIIGEVLEK
ILMKKLDGDTRDEEEILEEVLASLETEGKLAAALEHHHHHH
;
_entity_poly.pdbx_strand_id   A,B
#
# COMPACT_ATOMS: atom_id res chain seq x y z
N MET A 1 -21.89 33.39 -15.48
CA MET A 1 -22.25 32.17 -16.17
C MET A 1 -22.42 31.08 -15.14
N GLN A 2 -22.09 29.87 -15.54
CA GLN A 2 -22.25 28.68 -14.72
C GLN A 2 -21.18 28.62 -13.67
N ILE A 3 -21.58 28.46 -12.43
CA ILE A 3 -20.61 28.28 -11.40
C ILE A 3 -20.32 26.81 -11.13
N PHE A 4 -21.28 25.93 -11.40
CA PHE A 4 -21.08 24.55 -11.01
C PHE A 4 -21.09 23.57 -12.15
N ARG A 5 -20.32 22.49 -12.02
CA ARG A 5 -20.22 21.48 -13.08
C ARG A 5 -19.81 20.16 -12.44
N ASP A 6 -20.26 19.05 -13.01
CA ASP A 6 -19.96 17.72 -12.49
C ASP A 6 -18.76 17.00 -13.09
N VAL A 7 -17.57 17.37 -12.67
CA VAL A 7 -16.38 16.64 -13.07
C VAL A 7 -16.20 15.32 -12.30
N SER A 8 -17.25 14.86 -11.63
CA SER A 8 -17.19 13.59 -10.91
C SER A 8 -16.76 12.43 -11.81
N LYS A 9 -17.31 12.38 -13.00
CA LYS A 9 -16.94 11.34 -13.97
C LYS A 9 -15.46 11.50 -14.36
N LEU A 10 -15.06 12.73 -14.65
CA LEU A 10 -13.70 13.06 -15.05
C LEU A 10 -12.66 12.68 -13.99
N LEU A 11 -13.03 12.79 -12.73
CA LEU A 11 -12.13 12.40 -11.64
C LEU A 11 -11.76 10.93 -11.75
N VAL A 12 -12.74 10.03 -11.76
CA VAL A 12 -12.40 8.62 -11.73
C VAL A 12 -11.70 8.22 -13.00
N GLU A 13 -12.06 8.85 -14.12
CA GLU A 13 -11.43 8.56 -15.40
C GLU A 13 -9.95 8.93 -15.42
N ARG A 14 -9.65 10.18 -15.07
CA ARG A 14 -8.28 10.68 -15.12
C ARG A 14 -7.45 10.28 -13.91
N VAL A 15 -7.86 10.73 -12.72
CA VAL A 15 -7.07 10.61 -11.50
C VAL A 15 -6.76 9.18 -11.11
N ASP A 16 -5.48 8.89 -10.92
CA ASP A 16 -5.04 7.60 -10.42
C ASP A 16 -5.89 7.15 -9.23
N PRO A 17 -6.14 5.83 -9.12
CA PRO A 17 -6.98 5.31 -8.04
C PRO A 17 -6.44 5.62 -6.67
N LYS A 18 -5.15 5.40 -6.48
CA LYS A 18 -4.56 5.59 -5.16
C LYS A 18 -4.85 7.00 -4.68
N ILE A 19 -4.83 7.95 -5.59
CA ILE A 19 -5.24 9.31 -5.26
C ILE A 19 -6.74 9.52 -5.11
N LEU A 20 -7.50 9.06 -6.08
CA LEU A 20 -8.96 9.14 -5.94
C LEU A 20 -9.38 8.72 -4.55
N ASN A 21 -8.88 7.56 -4.12
CA ASN A 21 -9.23 7.06 -2.80
C ASN A 21 -8.88 8.06 -1.71
N LEU A 22 -7.87 8.89 -1.99
CA LEU A 22 -7.48 9.93 -1.06
C LEU A 22 -8.49 11.03 -1.03
N PHE A 23 -8.83 11.57 -2.21
CA PHE A 23 -9.86 12.60 -2.28
C PHE A 23 -11.12 12.03 -1.63
N ARG A 24 -11.50 10.81 -2.00
CA ARG A 24 -12.71 10.20 -1.45
C ARG A 24 -12.63 10.18 0.06
N LEU A 25 -11.48 9.74 0.58
CA LEU A 25 -11.28 9.59 2.01
C LEU A 25 -11.24 10.95 2.70
N LEU A 26 -10.46 11.88 2.15
CA LEU A 26 -10.32 13.20 2.73
C LEU A 26 -11.69 13.85 2.86
N GLY A 27 -12.51 13.60 1.85
CA GLY A 27 -13.85 14.13 1.84
C GLY A 27 -14.67 13.57 2.99
N LYS A 28 -14.66 12.24 3.12
CA LYS A 28 -15.38 11.64 4.22
C LYS A 28 -14.86 12.22 5.56
N PHE A 29 -13.54 12.34 5.72
CA PHE A 29 -13.01 12.93 6.96
C PHE A 29 -13.57 14.30 7.16
N GLY A 30 -13.74 15.03 6.07
CA GLY A 30 -14.38 16.33 6.14
C GLY A 30 -15.71 16.22 6.87
N ASP A 31 -16.61 15.40 6.34
CA ASP A 31 -17.91 15.21 6.94
C ASP A 31 -17.79 14.79 8.41
N GLU A 32 -16.91 13.84 8.68
CA GLU A 32 -16.74 13.34 10.03
C GLU A 32 -16.46 14.45 11.06
N VAL A 33 -15.70 15.47 10.68
CA VAL A 33 -15.41 16.59 11.60
C VAL A 33 -16.10 17.91 11.26
N ASN A 34 -17.06 17.84 10.34
CA ASN A 34 -17.81 19.00 9.91
C ASN A 34 -17.12 20.15 9.21
N MET A 35 -16.25 19.84 8.26
CA MET A 35 -15.53 20.85 7.49
C MET A 35 -15.68 20.58 6.01
N PRO A 36 -16.20 21.56 5.26
CA PRO A 36 -16.15 21.48 3.79
C PRO A 36 -14.72 21.20 3.34
N VAL A 37 -14.55 20.30 2.38
CA VAL A 37 -13.22 19.97 1.92
C VAL A 37 -13.12 20.16 0.41
N TYR A 38 -12.10 20.91 0.00
CA TYR A 38 -11.91 21.20 -1.42
C TYR A 38 -10.48 20.90 -1.84
N VAL A 39 -10.29 20.41 -3.06
CA VAL A 39 -8.98 20.39 -3.67
C VAL A 39 -8.95 21.59 -4.59
N VAL A 40 -7.81 22.28 -4.65
CA VAL A 40 -7.77 23.55 -5.34
C VAL A 40 -6.48 23.86 -6.10
N GLY A 41 -6.53 24.93 -6.86
CA GLY A 41 -5.37 25.39 -7.60
C GLY A 41 -5.01 24.60 -8.83
N GLY A 42 -3.74 24.28 -8.94
CA GLY A 42 -3.18 23.82 -10.19
C GLY A 42 -3.62 22.43 -10.54
N PHE A 43 -4.13 21.70 -9.55
CA PHE A 43 -4.63 20.37 -9.84
C PHE A 43 -5.95 20.48 -10.60
N VAL A 44 -6.90 21.23 -10.06
CA VAL A 44 -8.16 21.46 -10.76
C VAL A 44 -7.83 21.77 -12.20
N ARG A 45 -7.04 22.81 -12.39
CA ARG A 45 -6.58 23.22 -13.72
C ARG A 45 -6.05 22.07 -14.57
N ASP A 46 -5.10 21.31 -14.02
CA ASP A 46 -4.40 20.29 -14.79
C ASP A 46 -5.30 19.11 -15.16
N LEU A 47 -6.08 18.63 -14.19
CA LEU A 47 -7.08 17.60 -14.43
C LEU A 47 -7.97 17.97 -15.61
N LEU A 48 -8.36 19.24 -15.66
CA LEU A 48 -9.20 19.75 -16.73
C LEU A 48 -8.50 19.73 -18.08
N LEU A 49 -7.19 19.99 -18.09
CA LEU A 49 -6.42 20.01 -19.33
C LEU A 49 -5.83 18.65 -19.67
N GLY A 50 -6.15 17.65 -18.88
CA GLY A 50 -5.63 16.31 -19.10
C GLY A 50 -4.14 16.18 -18.82
N ILE A 51 -3.58 17.21 -18.20
CA ILE A 51 -2.15 17.25 -17.86
C ILE A 51 -1.94 16.62 -16.49
N LYS A 52 -0.96 15.74 -16.39
CA LYS A 52 -0.75 14.98 -15.15
C LYS A 52 -0.29 15.91 -14.02
N ASN A 53 -0.83 15.69 -12.83
CA ASN A 53 -0.43 16.50 -11.67
C ASN A 53 -0.49 15.72 -10.36
N LEU A 54 0.61 15.77 -9.61
CA LEU A 54 0.71 15.03 -8.37
C LEU A 54 0.54 15.94 -7.16
N ASP A 55 0.83 17.23 -7.34
CA ASP A 55 0.54 18.20 -6.29
C ASP A 55 -0.91 18.01 -5.89
N ILE A 56 -1.18 17.90 -4.58
CA ILE A 56 -2.57 17.84 -4.14
C ILE A 56 -2.89 18.89 -3.07
N ASP A 57 -3.05 20.12 -3.54
CA ASP A 57 -3.36 21.28 -2.71
C ASP A 57 -4.78 21.16 -2.16
N ILE A 58 -4.96 21.44 -0.86
CA ILE A 58 -6.25 21.27 -0.21
C ILE A 58 -6.65 22.41 0.72
N VAL A 59 -7.89 22.89 0.60
CA VAL A 59 -8.47 23.88 1.51
C VAL A 59 -9.67 23.31 2.26
N VAL A 60 -9.82 23.67 3.53
CA VAL A 60 -10.97 23.24 4.31
C VAL A 60 -11.60 24.47 4.90
N GLU A 61 -12.90 24.40 5.18
CA GLU A 61 -13.56 25.43 5.98
C GLU A 61 -13.68 24.91 7.40
N GLY A 62 -12.65 25.17 8.17
CA GLY A 62 -12.63 24.87 9.58
C GLY A 62 -11.30 25.26 10.18
N ASN A 63 -10.42 24.29 10.23
CA ASN A 63 -9.08 24.48 10.73
C ASN A 63 -8.18 23.44 10.14
N ALA A 64 -7.22 23.86 9.35
CA ALA A 64 -6.34 22.92 8.66
C ALA A 64 -5.58 22.04 9.64
N LEU A 65 -5.17 22.62 10.76
CA LEU A 65 -4.50 21.83 11.77
C LEU A 65 -5.41 20.74 12.30
N GLU A 66 -6.58 21.12 12.80
CA GLU A 66 -7.51 20.14 13.36
C GLU A 66 -7.85 19.04 12.36
N PHE A 67 -8.12 19.46 11.13
CA PHE A 67 -8.42 18.51 10.05
C PHE A 67 -7.22 17.62 9.77
N ALA A 68 -6.04 18.22 9.63
CA ALA A 68 -4.83 17.49 9.29
C ALA A 68 -4.51 16.42 10.31
N GLU A 69 -4.79 16.69 11.58
CA GLU A 69 -4.54 15.71 12.62
C GLU A 69 -5.55 14.58 12.53
N TYR A 70 -6.83 14.94 12.39
CA TYR A 70 -7.85 13.92 12.18
C TYR A 70 -7.38 13.00 11.06
N ALA A 71 -7.13 13.57 9.89
CA ALA A 71 -6.69 12.78 8.74
C ALA A 71 -5.60 11.76 9.08
N LYS A 72 -4.60 12.19 9.86
CA LYS A 72 -3.43 11.36 10.14
C LYS A 72 -3.75 10.05 10.87
N ARG A 73 -4.78 10.04 11.70
CA ARG A 73 -5.09 8.84 12.47
C ARG A 73 -5.39 7.66 11.57
N PHE A 74 -5.79 7.96 10.33
CA PHE A 74 -6.22 6.92 9.38
C PHE A 74 -5.35 6.91 8.12
N LEU A 75 -4.64 8.00 7.90
CA LEU A 75 -3.62 8.05 6.88
C LEU A 75 -2.22 7.86 7.49
N PRO A 76 -1.35 7.10 6.81
CA PRO A 76 0.00 6.80 7.27
C PRO A 76 1.05 7.84 6.84
N GLY A 77 1.66 8.55 7.78
CA GLY A 77 2.71 9.48 7.40
C GLY A 77 3.18 10.53 8.39
N LYS A 78 4.01 11.46 7.91
CA LYS A 78 4.60 12.50 8.73
C LYS A 78 3.72 13.76 8.73
N LEU A 79 3.39 14.26 9.91
CA LEU A 79 2.57 15.46 9.99
C LEU A 79 3.38 16.70 10.38
N VAL A 80 3.52 17.63 9.43
CA VAL A 80 4.21 18.89 9.65
C VAL A 80 3.23 20.03 9.88
N LYS A 81 3.24 20.61 11.07
CA LYS A 81 2.20 21.55 11.44
C LYS A 81 2.68 22.98 11.39
N HIS A 82 2.50 23.66 10.26
CA HIS A 82 2.99 25.02 10.12
C HIS A 82 2.08 25.99 10.85
N ASP A 83 2.07 25.92 12.16
CA ASP A 83 1.26 26.83 12.96
C ASP A 83 1.50 28.28 12.52
N LYS A 84 0.58 29.17 12.75
CA LYS A 84 0.84 30.56 12.43
C LYS A 84 0.50 30.92 10.99
N PHE A 85 0.17 29.91 10.23
CA PHE A 85 -0.48 30.04 8.93
C PHE A 85 -1.68 29.11 8.95
N MET A 86 -1.80 28.35 10.04
CA MET A 86 -2.79 27.29 10.11
C MET A 86 -2.72 26.46 8.83
N THR A 87 -1.51 26.11 8.41
CA THR A 87 -1.32 25.22 7.28
C THR A 87 -0.78 23.92 7.83
N ALA A 88 -0.74 22.89 7.00
CA ALA A 88 -0.17 21.62 7.40
C ALA A 88 0.28 20.83 6.18
N SER A 89 1.03 19.77 6.41
CA SER A 89 1.43 18.86 5.34
C SER A 89 1.63 17.42 5.85
N LEU A 90 0.80 16.54 5.34
CA LEU A 90 0.85 15.15 5.68
C LEU A 90 1.78 14.54 4.69
N PHE A 91 2.81 13.87 5.17
CA PHE A 91 3.76 13.27 4.25
C PHE A 91 3.53 11.77 4.26
N LEU A 92 2.97 11.26 3.17
CA LEU A 92 2.79 9.82 3.04
C LEU A 92 4.01 9.24 2.32
N LYS A 93 3.88 7.98 1.94
CA LYS A 93 4.94 7.26 1.26
C LYS A 93 4.56 7.00 -0.20
N GLY A 94 5.55 6.97 -1.08
CA GLY A 94 5.30 6.86 -2.51
C GLY A 94 5.64 8.19 -3.15
N GLY A 95 5.96 9.17 -2.31
CA GLY A 95 6.32 10.49 -2.79
C GLY A 95 5.10 11.38 -2.91
N LEU A 96 4.40 11.56 -1.80
CA LEU A 96 3.12 12.26 -1.79
C LEU A 96 2.90 13.13 -0.56
N ARG A 97 2.62 14.40 -0.82
CA ARG A 97 2.31 15.37 0.21
C ARG A 97 0.97 16.05 -0.10
N ILE A 98 0.09 16.06 0.88
CA ILE A 98 -1.15 16.83 0.77
C ILE A 98 -0.96 18.16 1.51
N ASP A 99 -0.95 19.25 0.75
CA ASP A 99 -0.91 20.57 1.37
C ASP A 99 -2.32 20.95 1.85
N ILE A 100 -2.45 21.21 3.14
CA ILE A 100 -3.75 21.52 3.73
C ILE A 100 -3.75 22.92 4.32
N ALA A 101 -4.57 23.81 3.78
CA ALA A 101 -4.63 25.18 4.25
C ALA A 101 -6.00 25.49 4.81
N THR A 102 -6.16 26.68 5.36
CA THR A 102 -7.46 27.07 5.90
C THR A 102 -8.06 28.22 5.11
N ALA A 103 -9.39 28.26 5.05
CA ALA A 103 -10.11 29.37 4.47
C ALA A 103 -9.61 30.72 5.01
N GLU A 118 -24.68 28.38 1.48
CA GLU A 118 -23.86 29.53 1.15
C GLU A 118 -22.60 29.60 2.01
N MET A 119 -21.99 28.47 2.28
CA MET A 119 -20.78 28.46 3.09
C MET A 119 -19.71 29.15 2.28
N SER A 120 -20.04 29.39 1.03
CA SER A 120 -19.08 29.78 -0.01
C SER A 120 -18.16 30.97 0.43
N THR A 121 -17.33 30.61 1.42
CA THR A 121 -16.25 31.39 1.99
C THR A 121 -15.02 30.96 1.20
N ILE A 122 -15.18 29.85 0.51
CA ILE A 122 -14.17 29.37 -0.39
C ILE A 122 -14.09 30.33 -1.58
N LYS A 123 -15.17 31.06 -1.83
CA LYS A 123 -15.15 32.08 -2.87
C LYS A 123 -14.13 33.14 -2.48
N LYS A 124 -14.26 33.67 -1.27
CA LYS A 124 -13.31 34.65 -0.78
C LYS A 124 -11.90 34.14 -0.87
N ASP A 125 -11.73 32.83 -0.68
CA ASP A 125 -10.39 32.22 -0.73
C ASP A 125 -9.89 32.14 -2.17
N LEU A 126 -10.81 31.90 -3.10
CA LEU A 126 -10.44 31.77 -4.50
C LEU A 126 -10.29 33.12 -5.18
N TYR A 127 -10.83 34.17 -4.55
CA TYR A 127 -10.70 35.52 -5.07
C TYR A 127 -9.26 36.02 -4.87
N ARG A 128 -8.56 35.42 -3.91
CA ARG A 128 -7.24 35.87 -3.49
C ARG A 128 -6.13 35.48 -4.46
N ARG A 129 -6.46 34.70 -5.48
CA ARG A 129 -5.42 34.12 -6.32
C ARG A 129 -5.10 34.93 -7.58
N ASP A 130 -4.25 34.37 -8.41
CA ASP A 130 -3.79 35.06 -9.59
C ASP A 130 -4.62 34.96 -10.85
N PHE A 131 -4.96 33.76 -11.28
CA PHE A 131 -5.62 33.63 -12.57
C PHE A 131 -6.79 32.70 -12.60
N THR A 132 -7.86 33.16 -13.20
CA THR A 132 -9.04 32.37 -13.16
C THR A 132 -8.74 30.91 -13.38
N ILE A 133 -7.84 30.55 -14.26
CA ILE A 133 -7.59 29.14 -14.48
C ILE A 133 -6.95 28.48 -13.26
N ASN A 134 -6.41 29.29 -12.36
CA ASN A 134 -5.77 28.79 -11.16
C ASN A 134 -6.67 29.00 -9.96
N ALA A 135 -7.80 29.62 -10.22
CA ALA A 135 -8.86 29.71 -9.26
C ALA A 135 -9.61 28.42 -9.55
N MET A 136 -10.82 28.32 -9.05
CA MET A 136 -11.59 27.12 -9.21
C MET A 136 -11.29 26.16 -8.09
N ALA A 137 -12.28 25.38 -7.70
CA ALA A 137 -12.14 24.36 -6.67
C ALA A 137 -13.02 23.17 -6.99
N ILE A 138 -12.67 22.01 -6.46
CA ILE A 138 -13.52 20.84 -6.56
C ILE A 138 -13.83 20.40 -5.13
N LYS A 139 -15.12 20.28 -4.79
CA LYS A 139 -15.48 19.88 -3.44
C LYS A 139 -15.20 18.40 -3.30
N LEU A 140 -15.14 17.90 -2.08
CA LEU A 140 -14.73 16.52 -1.85
C LEU A 140 -15.68 15.75 -0.95
N ASN A 141 -16.44 16.47 -0.13
CA ASN A 141 -17.41 15.81 0.73
C ASN A 141 -18.38 14.99 -0.10
N PRO A 142 -18.68 13.78 0.35
CA PRO A 142 -19.42 12.78 -0.43
C PRO A 142 -20.71 13.33 -1.04
N LYS A 143 -21.42 14.14 -0.27
CA LYS A 143 -22.64 14.80 -0.73
C LYS A 143 -22.44 15.56 -2.06
N ASP A 144 -21.37 16.35 -2.14
CA ASP A 144 -21.05 17.13 -3.33
C ASP A 144 -19.76 16.67 -4.05
N PHE A 145 -19.36 15.42 -3.89
CA PHE A 145 -18.04 14.97 -4.31
C PHE A 145 -17.45 15.57 -5.60
N GLY A 146 -18.02 15.33 -6.75
CA GLY A 146 -17.30 15.81 -7.93
C GLY A 146 -17.37 17.29 -8.32
N LEU A 147 -17.79 18.16 -7.40
CA LEU A 147 -18.32 19.47 -7.80
C LEU A 147 -17.31 20.56 -8.12
N LEU A 148 -17.22 20.91 -9.40
CA LEU A 148 -16.39 22.01 -9.86
C LEU A 148 -17.01 23.35 -9.43
N ILE A 149 -16.20 24.23 -8.86
CA ILE A 149 -16.67 25.51 -8.36
C ILE A 149 -15.85 26.61 -9.00
N ASP A 150 -16.51 27.51 -9.70
CA ASP A 150 -15.81 28.40 -10.60
C ASP A 150 -16.47 29.78 -10.67
N PHE A 151 -16.45 30.52 -9.58
CA PHE A 151 -17.08 31.82 -9.51
C PHE A 151 -16.57 32.79 -10.56
N PHE A 152 -15.43 32.48 -11.16
CA PHE A 152 -14.72 33.47 -11.99
C PHE A 152 -14.54 33.03 -13.44
N GLY A 153 -15.26 31.99 -13.83
CA GLY A 153 -15.15 31.50 -15.20
C GLY A 153 -13.72 31.21 -15.59
N GLY A 154 -13.02 30.43 -14.76
CA GLY A 154 -11.77 29.84 -15.18
C GLY A 154 -12.05 28.79 -16.24
N TYR A 155 -13.19 28.15 -16.16
CA TYR A 155 -13.49 27.11 -17.10
C TYR A 155 -13.51 27.74 -18.44
N ARG A 156 -14.09 28.91 -18.52
CA ARG A 156 -14.15 29.54 -19.82
C ARG A 156 -12.79 29.94 -20.35
N ASP A 157 -12.01 30.62 -19.53
CA ASP A 157 -10.70 31.01 -19.99
C ASP A 157 -9.84 29.80 -20.23
N LEU A 158 -9.96 28.81 -19.37
CA LEU A 158 -9.17 27.60 -19.53
C LEU A 158 -9.47 26.98 -20.89
N LYS A 159 -10.75 27.03 -21.28
CA LYS A 159 -11.20 26.36 -22.50
C LYS A 159 -10.89 27.14 -23.78
N GLU A 160 -10.76 28.46 -23.66
CA GLU A 160 -10.25 29.26 -24.76
C GLU A 160 -8.91 29.93 -24.43
N GLY A 161 -7.97 29.14 -23.91
CA GLY A 161 -6.61 29.58 -23.64
C GLY A 161 -6.40 31.02 -23.22
N VAL A 162 -7.00 31.41 -22.10
CA VAL A 162 -6.91 32.79 -21.64
C VAL A 162 -6.26 32.94 -20.27
N ILE A 163 -5.58 34.06 -20.05
CA ILE A 163 -5.01 34.34 -18.74
C ILE A 163 -5.55 35.65 -18.19
N ARG A 164 -6.59 35.54 -17.37
CA ARG A 164 -7.23 36.69 -16.74
C ARG A 164 -6.84 36.74 -15.29
N VAL A 165 -6.45 37.92 -14.84
CA VAL A 165 -6.07 38.12 -13.47
C VAL A 165 -7.32 38.50 -12.65
N LEU A 166 -7.72 37.68 -11.72
CA LEU A 166 -9.05 37.73 -11.18
C LEU A 166 -9.57 39.13 -10.93
N HIS A 167 -8.78 40.04 -10.42
CA HIS A 167 -9.28 41.40 -10.20
C HIS A 167 -8.23 42.48 -10.50
N THR A 168 -8.64 43.74 -10.43
CA THR A 168 -7.78 44.84 -10.90
C THR A 168 -6.56 45.11 -10.02
N LEU A 169 -6.51 44.47 -8.85
CA LEU A 169 -5.39 44.67 -7.93
C LEU A 169 -4.50 43.43 -7.82
N SER A 170 -4.81 42.42 -8.62
CA SER A 170 -4.03 41.19 -8.61
C SER A 170 -2.55 41.48 -8.61
N PHE A 171 -2.13 42.37 -9.49
CA PHE A 171 -0.71 42.67 -9.60
C PHE A 171 -0.20 43.51 -8.43
N VAL A 172 -0.85 44.62 -8.14
CA VAL A 172 -0.49 45.41 -6.96
C VAL A 172 -0.32 44.51 -5.75
N ASP A 173 -1.33 43.69 -5.49
CA ASP A 173 -1.30 42.77 -4.35
C ASP A 173 -0.09 41.85 -4.38
N ASP A 174 0.25 41.38 -5.56
CA ASP A 174 1.47 40.61 -5.75
C ASP A 174 1.98 40.73 -7.17
N PRO A 175 3.03 41.51 -7.32
CA PRO A 175 3.66 41.82 -8.61
C PRO A 175 4.36 40.62 -9.26
N THR A 176 4.74 39.63 -8.48
CA THR A 176 5.32 38.41 -9.05
C THR A 176 4.38 37.74 -10.05
N ARG A 177 3.09 38.04 -9.96
CA ARG A 177 2.14 37.47 -10.91
C ARG A 177 2.38 38.01 -12.32
N ILE A 178 3.18 39.07 -12.41
CA ILE A 178 3.50 39.66 -13.71
C ILE A 178 4.34 38.68 -14.51
N LEU A 179 5.32 38.09 -13.83
CA LEU A 179 6.19 37.08 -14.43
C LEU A 179 5.46 35.75 -14.60
N ARG A 180 4.60 35.44 -13.63
CA ARG A 180 3.81 34.21 -13.67
C ARG A 180 2.91 34.24 -14.90
N ALA A 181 2.13 35.31 -15.03
CA ALA A 181 1.27 35.49 -16.20
C ALA A 181 2.05 35.12 -17.45
N ILE A 182 3.20 35.74 -17.63
CA ILE A 182 4.03 35.44 -18.77
C ILE A 182 4.45 33.96 -18.86
N ARG A 183 4.92 33.36 -17.78
CA ARG A 183 5.35 31.96 -17.86
C ARG A 183 4.21 31.04 -18.28
N PHE A 184 3.02 31.32 -17.77
CA PHE A 184 1.84 30.55 -18.10
C PHE A 184 1.54 30.55 -19.60
N GLU A 185 1.68 31.69 -20.25
CA GLU A 185 1.51 31.74 -21.70
C GLU A 185 2.33 30.69 -22.46
N GLN A 186 3.65 30.67 -22.26
CA GLN A 186 4.49 29.68 -22.93
C GLN A 186 4.17 28.27 -22.43
N ARG A 187 3.89 28.18 -21.14
CA ARG A 187 3.62 26.90 -20.50
C ARG A 187 2.45 26.16 -21.16
N PHE A 188 1.28 26.81 -21.24
CA PHE A 188 0.05 26.18 -21.74
C PHE A 188 -0.32 26.57 -23.16
N ASP A 189 0.38 27.57 -23.68
CA ASP A 189 0.15 28.09 -25.01
C ASP A 189 -0.94 29.14 -25.06
N PHE A 190 -1.44 29.51 -23.90
CA PHE A 190 -2.46 30.54 -23.79
C PHE A 190 -1.95 31.95 -24.06
N ARG A 191 -2.90 32.90 -24.06
CA ARG A 191 -2.64 34.30 -24.32
C ARG A 191 -3.22 35.12 -23.17
N ILE A 192 -2.77 36.35 -23.02
CA ILE A 192 -3.26 37.22 -21.95
C ILE A 192 -4.34 38.15 -22.53
N GLU A 193 -5.56 38.05 -22.03
CA GLU A 193 -6.64 38.92 -22.52
C GLU A 193 -6.34 40.41 -22.26
N GLU A 194 -6.99 41.28 -23.03
CA GLU A 194 -6.66 42.71 -23.03
C GLU A 194 -6.56 43.37 -21.65
N THR A 195 -7.58 43.20 -20.82
CA THR A 195 -7.68 43.96 -19.57
C THR A 195 -6.56 43.59 -18.60
N THR A 196 -6.13 42.33 -18.64
CA THR A 196 -4.93 41.94 -17.91
C THR A 196 -3.73 42.61 -18.54
N GLU A 197 -3.54 42.38 -19.84
CA GLU A 197 -2.42 43.00 -20.53
C GLU A 197 -2.25 44.45 -20.09
N ARG A 198 -3.34 45.19 -20.11
CA ARG A 198 -3.32 46.59 -19.70
C ARG A 198 -2.88 46.69 -18.24
N LEU A 199 -3.45 45.85 -17.40
CA LEU A 199 -3.23 45.93 -15.96
C LEU A 199 -1.78 45.59 -15.61
N LEU A 200 -1.19 44.69 -16.40
CA LEU A 200 0.19 44.30 -16.21
C LEU A 200 1.08 45.52 -16.39
N LYS A 201 1.11 46.04 -17.62
CA LYS A 201 1.90 47.21 -17.95
C LYS A 201 1.80 48.25 -16.85
N GLN A 202 0.57 48.64 -16.49
CA GLN A 202 0.35 49.64 -15.45
C GLN A 202 1.18 49.41 -14.19
N ALA A 203 1.25 48.15 -13.73
CA ALA A 203 1.99 47.80 -12.52
C ALA A 203 3.49 47.79 -12.76
N VAL A 204 3.89 47.36 -13.95
CA VAL A 204 5.28 47.40 -14.36
C VAL A 204 5.77 48.83 -14.38
N GLU A 205 5.02 49.70 -15.05
CA GLU A 205 5.34 51.12 -15.19
C GLU A 205 5.15 51.89 -13.91
N GLU A 206 4.19 51.45 -13.09
CA GLU A 206 3.98 52.05 -11.78
C GLU A 206 5.19 51.72 -10.92
N GLY A 207 6.13 50.97 -11.50
CA GLY A 207 7.34 50.57 -10.80
C GLY A 207 7.07 49.51 -9.74
N TYR A 208 5.89 48.89 -9.81
CA TYR A 208 5.42 47.98 -8.76
C TYR A 208 6.32 46.79 -8.44
N LEU A 209 6.94 46.19 -9.45
CA LEU A 209 7.77 45.02 -9.21
C LEU A 209 9.17 45.39 -8.73
N GLU A 210 9.51 46.67 -8.76
CA GLU A 210 10.70 47.14 -8.05
C GLU A 210 10.40 47.08 -6.57
N ARG A 211 9.14 47.35 -6.23
CA ARG A 211 8.71 47.45 -4.85
C ARG A 211 8.71 46.07 -4.20
N THR A 212 9.21 45.07 -4.93
CA THR A 212 9.19 43.69 -4.48
C THR A 212 10.58 43.12 -4.25
N THR A 213 10.63 42.08 -3.43
CA THR A 213 11.87 41.48 -2.95
C THR A 213 12.63 40.67 -4.00
N GLY A 214 13.95 40.59 -3.84
CA GLY A 214 14.82 39.90 -4.77
C GLY A 214 14.52 38.42 -4.96
N PRO A 215 14.74 37.63 -3.90
CA PRO A 215 14.40 36.20 -3.84
C PRO A 215 13.08 35.84 -4.55
N ARG A 216 12.05 36.64 -4.32
CA ARG A 216 10.76 36.39 -4.92
C ARG A 216 10.78 36.53 -6.45
N LEU A 217 11.26 37.68 -6.92
CA LEU A 217 11.33 37.95 -8.37
C LEU A 217 12.25 36.95 -9.05
N ARG A 218 13.23 36.45 -8.31
CA ARG A 218 14.23 35.59 -8.92
C ARG A 218 13.78 34.16 -9.06
N GLN A 219 13.19 33.61 -8.00
CA GLN A 219 12.66 32.27 -8.11
C GLN A 219 11.78 32.22 -9.36
N GLU A 220 10.86 33.17 -9.46
CA GLU A 220 9.96 33.20 -10.59
C GLU A 220 10.72 33.32 -11.91
N LEU A 221 11.72 34.18 -11.94
CA LEU A 221 12.56 34.35 -13.12
C LEU A 221 13.17 32.99 -13.51
N GLU A 222 13.64 32.24 -12.52
CA GLU A 222 14.24 30.95 -12.79
C GLU A 222 13.23 30.03 -13.44
N LYS A 223 12.03 29.98 -12.88
CA LYS A 223 10.96 29.14 -13.42
C LYS A 223 10.70 29.44 -14.90
N ILE A 224 10.58 30.72 -15.25
CA ILE A 224 10.32 31.11 -16.63
C ILE A 224 11.36 30.48 -17.55
N LEU A 225 12.60 30.49 -17.10
CA LEU A 225 13.71 29.98 -17.89
C LEU A 225 13.74 28.44 -17.96
N GLU A 226 13.09 27.80 -17.00
CA GLU A 226 13.12 26.35 -16.93
C GLU A 226 11.90 25.81 -17.68
N GLU A 227 11.02 26.74 -18.05
CA GLU A 227 9.77 26.41 -18.71
C GLU A 227 9.95 26.17 -20.22
N LYS A 228 8.86 25.80 -20.88
CA LYS A 228 8.84 25.35 -22.27
C LYS A 228 9.71 26.19 -23.21
N ASN A 229 9.39 27.46 -23.36
CA ASN A 229 10.12 28.29 -24.31
C ASN A 229 10.62 29.49 -23.57
N PRO A 230 11.94 29.70 -23.56
CA PRO A 230 12.56 30.76 -22.77
C PRO A 230 12.71 32.01 -23.61
N LEU A 231 13.26 31.84 -24.82
CA LEU A 231 13.52 32.96 -25.71
C LEU A 231 12.26 33.78 -25.79
N LYS A 232 11.20 33.13 -26.30
CA LYS A 232 9.89 33.73 -26.54
C LYS A 232 9.34 34.50 -25.33
N SER A 233 9.59 33.98 -24.12
CA SER A 233 9.12 34.64 -22.92
C SER A 233 10.01 35.80 -22.48
N ILE A 234 11.29 35.74 -22.83
CA ILE A 234 12.13 36.91 -22.59
C ILE A 234 11.69 38.03 -23.54
N ARG A 235 11.55 37.71 -24.83
CA ARG A 235 11.09 38.70 -25.81
C ARG A 235 9.73 39.23 -25.39
N ARG A 236 8.91 38.35 -24.84
CA ARG A 236 7.62 38.76 -24.31
C ARG A 236 7.84 39.71 -23.15
N MET A 237 8.58 39.24 -22.16
CA MET A 237 8.94 40.08 -21.01
C MET A 237 9.40 41.45 -21.51
N ALA A 238 10.08 41.48 -22.64
CA ALA A 238 10.57 42.73 -23.23
C ALA A 238 9.42 43.67 -23.57
N GLN A 239 8.48 43.22 -24.39
CA GLN A 239 7.33 44.05 -24.74
C GLN A 239 6.80 44.80 -23.51
N PHE A 240 6.62 44.09 -22.41
CA PHE A 240 6.01 44.66 -21.22
C PHE A 240 6.96 45.55 -20.42
N ASP A 241 8.22 45.59 -20.86
CA ASP A 241 9.22 46.44 -20.23
C ASP A 241 9.55 46.03 -18.79
N VAL A 242 9.50 44.73 -18.50
CA VAL A 242 9.88 44.25 -17.17
C VAL A 242 11.39 44.07 -17.03
N ILE A 243 12.06 43.75 -18.13
CA ILE A 243 13.50 43.57 -18.09
C ILE A 243 14.09 44.81 -17.45
N LYS A 244 13.77 45.95 -18.03
CA LYS A 244 14.29 47.23 -17.56
C LYS A 244 13.95 47.48 -16.10
N HIS A 245 12.91 46.82 -15.59
CA HIS A 245 12.43 47.11 -14.24
C HIS A 245 12.87 46.08 -13.20
N LEU A 246 13.50 44.99 -13.65
CA LEU A 246 14.15 44.06 -12.74
C LEU A 246 15.57 44.58 -12.63
N PHE A 247 16.23 44.70 -13.77
CA PHE A 247 17.62 45.12 -13.83
C PHE A 247 17.74 46.55 -14.37
N PRO A 248 17.95 47.54 -13.49
CA PRO A 248 17.80 48.95 -13.86
C PRO A 248 18.46 49.32 -15.18
N LYS A 249 19.69 48.84 -15.43
CA LYS A 249 20.37 49.07 -16.70
C LYS A 249 20.54 47.78 -17.50
N THR A 250 19.77 47.74 -18.56
CA THR A 250 19.86 46.75 -19.57
C THR A 250 18.97 47.38 -20.56
N TYR A 251 19.13 47.08 -21.83
CA TYR A 251 18.11 47.51 -22.77
C TYR A 251 17.88 46.48 -23.87
N TYR A 252 16.66 45.94 -23.94
CA TYR A 252 16.37 44.89 -24.90
C TYR A 252 16.20 45.44 -26.33
N THR A 253 17.31 45.43 -27.04
CA THR A 253 17.42 45.99 -28.38
C THR A 253 17.56 44.87 -29.40
N PRO A 254 17.36 45.18 -30.69
CA PRO A 254 17.55 44.14 -31.70
C PRO A 254 18.97 43.58 -31.62
N SER A 255 19.86 44.32 -30.96
CA SER A 255 21.25 43.92 -30.89
C SER A 255 21.58 43.28 -29.55
N MET A 256 20.64 43.30 -28.62
CA MET A 256 20.80 42.53 -27.40
C MET A 256 20.07 41.22 -27.58
N ASP A 257 18.83 41.32 -28.00
CA ASP A 257 18.05 40.17 -28.36
C ASP A 257 18.88 39.21 -29.19
N GLU A 258 19.43 39.71 -30.29
CA GLU A 258 20.10 38.85 -31.24
C GLU A 258 21.10 37.93 -30.56
N LYS A 259 21.78 38.45 -29.55
CA LYS A 259 22.71 37.64 -28.76
C LYS A 259 21.94 36.58 -27.97
N MET A 260 20.88 37.02 -27.29
CA MET A 260 19.99 36.13 -26.55
C MET A 260 19.59 34.93 -27.39
N GLU A 261 19.18 35.19 -28.64
CA GLU A 261 18.82 34.13 -29.56
C GLU A 261 19.98 33.17 -29.76
N ASN A 262 21.14 33.72 -30.11
CA ASN A 262 22.36 32.92 -30.21
C ASN A 262 22.58 32.05 -28.99
N LEU A 263 22.52 32.67 -27.81
CA LEU A 263 22.69 31.97 -26.55
C LEU A 263 21.88 30.69 -26.45
N PHE A 264 20.56 30.82 -26.65
CA PHE A 264 19.64 29.69 -26.47
C PHE A 264 19.73 28.66 -27.58
N ARG A 265 20.24 29.06 -28.74
CA ARG A 265 20.33 28.12 -29.86
C ARG A 265 21.39 27.05 -29.63
N ASN A 266 22.47 27.41 -28.95
CA ASN A 266 23.57 26.47 -28.77
C ASN A 266 23.83 26.05 -27.31
N ILE A 267 23.12 26.66 -26.38
CA ILE A 267 23.13 26.14 -25.02
C ILE A 267 22.98 24.62 -25.01
N PRO A 268 22.09 24.08 -25.87
CA PRO A 268 21.97 22.63 -25.97
C PRO A 268 23.31 21.97 -26.29
N TRP A 269 24.09 22.60 -27.16
CA TRP A 269 25.42 22.08 -27.47
C TRP A 269 26.32 22.18 -26.24
N VAL A 270 26.22 23.29 -25.53
CA VAL A 270 27.03 23.49 -24.34
C VAL A 270 26.74 22.38 -23.37
N GLU A 271 25.46 22.14 -23.11
CA GLU A 271 25.06 21.09 -22.19
C GLU A 271 25.56 19.74 -22.68
N GLU A 272 25.51 19.53 -23.98
CA GLU A 272 25.94 18.25 -24.54
C GLU A 272 27.43 17.92 -24.29
N ASN A 273 28.33 18.89 -24.46
CA ASN A 273 29.77 18.60 -24.35
C ASN A 273 30.44 19.09 -23.07
N PHE A 274 29.78 19.98 -22.35
CA PHE A 274 30.41 20.60 -21.19
C PHE A 274 29.65 20.43 -19.87
N GLY A 275 28.36 20.16 -19.96
CA GLY A 275 27.59 19.92 -18.76
C GLY A 275 26.53 20.95 -18.49
N GLU A 276 25.93 20.85 -17.30
CA GLU A 276 24.86 21.74 -16.90
C GLU A 276 25.15 23.19 -17.27
N VAL A 277 24.12 23.91 -17.69
CA VAL A 277 24.20 25.35 -17.90
C VAL A 277 23.18 26.02 -17.02
N ASP A 278 23.60 26.93 -16.15
CA ASP A 278 22.65 27.61 -15.31
C ASP A 278 21.99 28.70 -16.12
N ARG A 279 20.79 28.42 -16.60
CA ARG A 279 20.13 29.35 -17.51
C ARG A 279 20.07 30.75 -16.92
N PHE A 280 19.69 30.88 -15.66
CA PHE A 280 19.62 32.19 -15.04
C PHE A 280 20.88 32.98 -15.37
N TYR A 281 22.03 32.42 -14.98
CA TYR A 281 23.34 33.04 -15.25
C TYR A 281 23.61 33.27 -16.74
N ALA A 282 23.54 32.23 -17.54
CA ALA A 282 23.67 32.37 -18.98
C ALA A 282 22.93 33.62 -19.46
N VAL A 283 21.77 33.91 -18.85
CA VAL A 283 21.03 35.10 -19.21
C VAL A 283 21.68 36.36 -18.65
N LEU A 284 21.91 36.37 -17.34
CA LEU A 284 22.52 37.55 -16.72
C LEU A 284 23.68 38.05 -17.58
N HIS A 285 24.53 37.12 -18.05
CA HIS A 285 25.62 37.46 -18.94
C HIS A 285 25.19 38.48 -19.99
N VAL A 286 24.28 38.09 -20.87
CA VAL A 286 23.80 39.02 -21.89
C VAL A 286 23.07 40.23 -21.29
N PHE A 287 22.30 40.01 -20.24
CA PHE A 287 21.59 41.09 -19.59
C PHE A 287 22.54 42.09 -18.95
N LEU A 288 23.50 41.59 -18.21
CA LEU A 288 24.36 42.41 -17.38
C LEU A 288 25.52 43.15 -18.04
N GLU A 289 25.66 43.05 -19.35
CA GLU A 289 26.81 43.66 -20.00
C GLU A 289 26.89 45.16 -19.80
N PHE A 290 28.10 45.71 -19.94
CA PHE A 290 28.32 47.14 -19.91
C PHE A 290 27.81 47.78 -18.65
N TYR A 291 28.24 47.20 -17.54
CA TYR A 291 27.73 47.57 -16.22
C TYR A 291 28.74 48.32 -15.35
N ASP A 292 28.44 49.58 -15.08
CA ASP A 292 29.23 50.37 -14.16
C ASP A 292 29.19 49.74 -12.76
N ASP A 293 30.29 49.84 -12.03
CA ASP A 293 30.43 49.19 -10.74
C ASP A 293 29.29 49.46 -9.75
N GLU A 294 28.69 50.65 -9.82
CA GLU A 294 27.59 50.97 -8.92
C GLU A 294 26.28 50.33 -9.39
N SER A 295 26.24 49.93 -10.66
CA SER A 295 25.06 49.28 -11.21
C SER A 295 25.06 47.78 -10.92
N TRP A 296 26.26 47.23 -10.68
CA TRP A 296 26.41 45.82 -10.41
C TRP A 296 26.40 45.51 -8.91
N LYS A 297 27.01 46.34 -8.08
CA LYS A 297 27.16 45.96 -6.69
C LYS A 297 25.75 45.79 -6.14
N GLU A 298 24.78 46.29 -6.89
CA GLU A 298 23.42 46.21 -6.41
C GLU A 298 22.67 45.10 -7.08
N VAL A 299 22.62 45.12 -8.40
CA VAL A 299 21.94 44.01 -9.04
C VAL A 299 22.41 42.74 -8.35
N ARG A 300 23.71 42.57 -8.24
CA ARG A 300 24.31 41.44 -7.52
C ARG A 300 23.81 41.35 -6.10
N ASP A 301 23.50 42.50 -5.52
CA ASP A 301 23.17 42.56 -4.11
C ASP A 301 21.69 42.30 -3.90
N ARG A 302 20.85 42.81 -4.82
CA ARG A 302 19.40 42.67 -4.70
C ARG A 302 18.94 41.24 -4.91
N TYR A 303 19.46 40.62 -5.95
CA TYR A 303 19.28 39.22 -6.20
C TYR A 303 20.48 38.73 -5.45
N SER A 304 20.98 37.52 -5.68
CA SER A 304 22.16 37.11 -4.95
C SER A 304 23.41 36.75 -5.76
N LEU A 305 23.52 37.31 -6.94
CA LEU A 305 24.56 36.94 -7.89
C LEU A 305 25.94 36.84 -7.21
N ARG A 306 26.88 36.24 -7.93
CA ARG A 306 28.11 35.83 -7.32
C ARG A 306 29.13 36.93 -7.18
N ARG A 307 29.66 37.08 -5.99
CA ARG A 307 30.58 38.15 -5.89
C ARG A 307 31.45 37.77 -7.06
N ASN A 308 31.73 38.74 -7.90
CA ASN A 308 32.65 38.55 -9.01
C ASN A 308 32.06 38.17 -10.34
N LEU A 309 30.81 37.82 -10.37
CA LEU A 309 30.28 37.30 -11.59
C LEU A 309 30.58 38.37 -12.59
N ILE A 310 30.47 39.59 -12.10
CA ILE A 310 30.71 40.78 -12.88
C ILE A 310 32.04 40.68 -13.63
N ASN A 311 33.07 40.19 -12.96
CA ASN A 311 34.37 39.97 -13.60
C ASN A 311 34.25 39.11 -14.86
N GLU A 312 33.49 38.02 -14.76
CA GLU A 312 33.40 37.04 -15.84
C GLU A 312 32.64 37.55 -17.06
N ILE A 313 31.60 38.33 -16.84
CA ILE A 313 30.88 38.90 -17.96
C ILE A 313 31.79 39.85 -18.68
N ARG A 314 32.48 40.66 -17.91
CA ARG A 314 33.46 41.57 -18.51
C ARG A 314 34.41 40.80 -19.41
N HIS A 315 35.10 39.80 -18.85
CA HIS A 315 36.00 38.93 -19.62
C HIS A 315 35.54 38.68 -21.07
N VAL A 316 34.34 38.12 -21.24
CA VAL A 316 33.80 37.88 -22.58
C VAL A 316 33.51 39.20 -23.28
N GLU A 317 32.81 40.08 -22.57
CA GLU A 317 32.51 41.42 -23.06
C GLU A 317 33.72 42.04 -23.75
N LYS A 318 34.83 42.11 -23.00
CA LYS A 318 36.11 42.66 -23.47
C LYS A 318 36.75 41.78 -24.55
N SER A 319 36.97 40.50 -24.23
CA SER A 319 37.60 39.56 -25.14
C SER A 319 36.83 39.35 -26.45
N ALA A 320 35.65 39.96 -26.55
CA ALA A 320 34.68 39.65 -27.62
C ALA A 320 35.11 40.04 -29.04
N PRO A 321 35.33 41.35 -29.28
CA PRO A 321 35.72 41.75 -30.64
C PRO A 321 37.03 41.08 -31.07
N ALA A 322 37.77 40.51 -30.13
CA ALA A 322 39.02 39.83 -30.46
C ALA A 322 38.77 38.40 -30.94
N LEU A 323 37.63 37.85 -30.54
CA LEU A 323 37.32 36.46 -30.82
C LEU A 323 36.94 36.24 -32.29
N LEU A 324 36.00 37.03 -32.79
CA LEU A 324 35.59 36.85 -34.18
C LEU A 324 36.80 37.09 -35.09
N GLU A 325 37.59 38.12 -34.80
CA GLU A 325 38.82 38.34 -35.53
C GLU A 325 39.66 37.08 -35.48
N MET A 326 39.75 36.50 -34.29
CA MET A 326 40.56 35.32 -34.07
C MET A 326 39.98 34.13 -34.83
N LEU A 327 38.66 34.13 -35.00
CA LEU A 327 37.98 33.09 -35.75
C LEU A 327 38.15 33.33 -37.24
N SER A 328 37.93 34.56 -37.67
CA SER A 328 38.45 35.00 -38.95
C SER A 328 39.96 34.82 -38.84
N GLU A 329 40.70 34.81 -39.93
CA GLU A 329 42.15 34.76 -39.76
C GLU A 329 42.53 33.41 -39.17
N ARG A 330 41.56 32.55 -39.07
CA ARG A 330 41.79 31.16 -38.68
C ARG A 330 43.10 31.00 -37.90
N VAL A 331 43.20 31.68 -36.77
CA VAL A 331 44.35 31.51 -35.89
C VAL A 331 44.37 30.06 -35.43
N PRO A 332 45.54 29.58 -35.00
CA PRO A 332 45.62 28.25 -34.38
C PRO A 332 45.03 28.27 -32.98
N ALA A 333 44.58 27.12 -32.50
CA ALA A 333 43.89 27.04 -31.21
C ALA A 333 44.74 27.64 -30.10
N SER A 334 46.05 27.54 -30.26
CA SER A 334 46.99 28.08 -29.29
C SER A 334 46.60 29.49 -28.82
N PHE A 335 45.96 30.25 -29.72
CA PHE A 335 45.64 31.64 -29.44
C PHE A 335 44.33 31.82 -28.69
N VAL A 336 43.44 30.83 -28.82
CA VAL A 336 42.09 30.91 -28.28
C VAL A 336 42.07 30.56 -26.79
N TYR A 337 42.80 29.50 -26.44
CA TYR A 337 42.92 29.00 -25.06
C TYR A 337 42.84 30.09 -23.97
N PRO A 338 43.67 31.13 -24.08
CA PRO A 338 43.76 32.18 -23.06
C PRO A 338 42.41 32.73 -22.62
N LEU A 339 41.41 32.63 -23.49
CA LEU A 339 40.13 33.30 -23.28
C LEU A 339 39.02 32.36 -22.82
N VAL A 340 39.32 31.06 -22.77
CA VAL A 340 38.33 30.07 -22.37
C VAL A 340 38.91 29.10 -21.37
N LYS A 341 40.00 29.47 -20.69
CA LYS A 341 40.77 28.48 -19.93
C LYS A 341 40.21 27.70 -18.74
N GLY A 342 39.66 28.34 -17.71
CA GLY A 342 38.95 27.61 -16.68
C GLY A 342 37.55 28.17 -16.52
N VAL A 343 37.01 28.66 -17.62
CA VAL A 343 35.75 29.37 -17.64
C VAL A 343 34.53 28.53 -17.36
N SER A 344 33.44 29.17 -16.94
CA SER A 344 32.21 28.45 -16.63
C SER A 344 31.51 28.10 -17.91
N ASN A 345 30.53 27.21 -17.84
CA ASN A 345 29.75 26.92 -19.02
C ASN A 345 28.98 28.16 -19.46
N GLU A 346 28.51 28.93 -18.48
CA GLU A 346 27.81 30.19 -18.75
C GLU A 346 28.68 31.09 -19.61
N THR A 347 29.96 31.21 -19.22
CA THR A 347 30.91 32.05 -19.96
C THR A 347 31.12 31.53 -21.39
N ILE A 348 31.25 30.21 -21.54
CA ILE A 348 31.28 29.62 -22.87
C ILE A 348 30.03 30.01 -23.65
N CYS A 349 28.87 29.85 -23.03
CA CYS A 349 27.60 30.21 -23.67
C CYS A 349 27.64 31.65 -24.14
N HIS A 350 28.11 32.53 -23.26
CA HIS A 350 28.19 33.96 -23.54
C HIS A 350 28.92 34.24 -24.85
N PHE A 351 30.14 33.70 -25.00
CA PHE A 351 30.89 33.82 -26.24
C PHE A 351 30.06 33.35 -27.43
N LEU A 352 29.39 32.22 -27.26
CA LEU A 352 28.58 31.63 -28.32
C LEU A 352 27.41 32.53 -28.69
N ALA A 353 27.12 33.49 -27.85
CA ALA A 353 26.02 34.39 -28.10
C ALA A 353 26.32 35.24 -29.30
N TYR A 354 27.56 35.20 -29.74
CA TYR A 354 28.08 36.12 -30.75
C TYR A 354 28.18 35.45 -32.11
N LEU A 355 28.01 34.14 -32.14
CA LEU A 355 28.40 33.37 -33.31
C LEU A 355 27.25 32.93 -34.20
N SER A 356 27.29 33.39 -35.43
CA SER A 356 26.31 32.97 -36.42
C SER A 356 27.02 32.12 -37.46
N GLY A 357 26.50 30.91 -37.66
CA GLY A 357 26.89 30.08 -38.79
C GLY A 357 28.27 29.47 -38.75
N GLU A 358 29.15 29.97 -39.61
CA GLU A 358 30.44 29.34 -39.87
C GLU A 358 31.43 29.57 -38.73
N LYS A 359 31.35 30.73 -38.09
CA LYS A 359 32.21 31.02 -36.95
C LYS A 359 31.89 30.03 -35.83
N GLU A 360 30.60 29.83 -35.60
CA GLU A 360 30.11 28.90 -34.60
C GLU A 360 30.83 27.56 -34.69
N GLY A 361 30.70 26.89 -35.83
CA GLY A 361 31.30 25.59 -36.02
C GLY A 361 32.77 25.58 -35.68
N LEU A 362 33.41 26.74 -35.87
CA LEU A 362 34.84 26.88 -35.61
C LEU A 362 35.12 27.07 -34.13
N PHE A 363 34.54 28.09 -33.51
CA PHE A 363 34.73 28.33 -32.09
C PHE A 363 34.47 27.04 -31.30
N LYS A 364 33.47 26.29 -31.76
CA LYS A 364 33.16 24.99 -31.18
C LYS A 364 34.27 24.01 -31.54
N SER A 365 34.69 24.04 -32.80
CA SER A 365 35.77 23.18 -33.30
C SER A 365 37.05 23.33 -32.48
N TYR A 366 37.29 24.52 -31.95
CA TYR A 366 38.42 24.75 -31.07
C TYR A 366 38.06 24.43 -29.65
N LEU A 367 36.78 24.52 -29.34
CA LEU A 367 36.32 24.29 -27.99
C LEU A 367 36.53 22.84 -27.59
N LEU A 368 36.38 21.92 -28.55
CA LEU A 368 36.58 20.51 -28.27
C LEU A 368 38.06 20.15 -28.28
N LYS A 369 38.86 20.89 -29.05
CA LYS A 369 40.31 20.74 -28.99
C LYS A 369 40.78 21.16 -27.61
N ILE A 370 40.31 22.32 -27.14
CA ILE A 370 40.72 22.85 -25.86
C ILE A 370 40.16 22.05 -24.68
N LYS A 371 38.99 21.45 -24.84
CA LYS A 371 38.46 20.55 -23.82
C LYS A 371 39.36 19.32 -23.71
N ASN A 372 39.64 18.75 -24.88
CA ASN A 372 40.49 17.59 -25.01
C ASN A 372 41.94 17.91 -25.26
N THR A 373 42.73 16.88 -25.48
CA THR A 373 44.13 17.04 -25.76
C THR A 373 44.86 17.89 -24.77
N LYS A 374 44.08 18.54 -23.91
CA LYS A 374 44.63 19.00 -22.65
C LYS A 374 45.43 17.85 -22.04
N LEU A 375 45.06 16.63 -22.42
CA LEU A 375 45.81 15.46 -21.99
C LEU A 375 47.29 15.70 -22.28
N GLU A 376 48.08 15.78 -21.23
CA GLU A 376 49.51 15.89 -21.41
C GLU A 376 50.05 14.51 -21.70
N LYS A 377 49.28 13.50 -21.33
CA LYS A 377 49.73 12.15 -21.37
C LYS A 377 50.86 12.17 -20.37
N ILE A 378 52.00 11.59 -20.71
CA ILE A 378 53.14 11.65 -19.81
C ILE A 378 53.64 13.08 -19.74
N ASN A 379 54.39 13.40 -18.70
CA ASN A 379 55.08 14.68 -18.62
C ASN A 379 54.35 15.82 -17.94
N GLY A 380 54.73 16.09 -16.70
CA GLY A 380 54.30 17.29 -16.01
C GLY A 380 54.97 17.34 -14.66
N GLU A 381 54.57 18.31 -13.84
CA GLU A 381 54.85 18.25 -12.40
C GLU A 381 55.97 17.64 -11.55
N TYR A 382 56.11 16.32 -11.67
CA TYR A 382 57.26 15.45 -11.52
C TYR A 382 58.38 15.67 -12.53
N LEU A 383 58.19 15.18 -13.75
CA LEU A 383 59.25 15.17 -14.77
C LEU A 383 60.06 16.45 -14.69
N ILE A 384 59.36 17.56 -14.51
CA ILE A 384 59.96 18.86 -14.41
C ILE A 384 60.83 19.10 -13.18
N ARG A 385 60.37 18.64 -12.03
CA ARG A 385 61.10 18.84 -10.80
C ARG A 385 62.26 17.89 -10.68
N LYS A 386 62.12 16.69 -11.24
CA LYS A 386 63.27 15.81 -11.32
C LYS A 386 64.31 16.46 -12.22
N GLY A 387 63.79 17.19 -13.20
CA GLY A 387 64.57 18.00 -14.09
C GLY A 387 65.18 19.00 -13.16
N ILE A 388 64.58 19.14 -11.99
CA ILE A 388 65.15 20.02 -10.99
C ILE A 388 64.59 21.43 -10.89
N THR A 389 63.55 21.73 -11.64
CA THR A 389 62.88 23.02 -11.53
C THR A 389 61.84 23.03 -10.40
N SER A 390 61.63 24.21 -9.80
CA SER A 390 60.68 24.42 -8.71
C SER A 390 59.91 25.75 -8.88
N GLY A 391 58.84 25.91 -8.10
CA GLY A 391 58.08 27.15 -8.17
C GLY A 391 57.12 27.31 -9.34
N LYS A 392 56.51 28.49 -9.39
CA LYS A 392 55.49 28.87 -10.37
C LYS A 392 55.91 28.68 -11.82
N ILE A 393 57.20 28.47 -12.04
CA ILE A 393 57.72 28.22 -13.38
C ILE A 393 57.13 26.95 -13.94
N ILE A 394 57.27 25.87 -13.19
CA ILE A 394 56.70 24.58 -13.55
C ILE A 394 55.41 24.72 -14.32
N GLY A 395 54.52 25.57 -13.80
CA GLY A 395 53.25 25.80 -14.45
C GLY A 395 53.36 26.35 -15.85
N GLU A 396 54.22 27.34 -16.03
CA GLU A 396 54.31 28.03 -17.30
C GLU A 396 54.90 27.14 -18.40
N VAL A 397 55.89 26.34 -18.04
CA VAL A 397 56.51 25.42 -18.98
C VAL A 397 55.52 24.31 -19.35
N LEU A 398 54.80 23.80 -18.36
CA LEU A 398 53.77 22.80 -18.61
C LEU A 398 52.74 23.35 -19.58
N GLU A 399 52.16 24.50 -19.23
CA GLU A 399 51.18 25.18 -20.08
C GLU A 399 51.68 25.41 -21.51
N LYS A 400 52.94 25.81 -21.64
CA LYS A 400 53.47 26.17 -22.97
C LYS A 400 53.85 24.95 -23.82
N ILE A 401 54.01 23.80 -23.17
CA ILE A 401 54.09 22.54 -23.89
C ILE A 401 52.70 22.14 -24.41
N LEU A 402 51.73 22.11 -23.50
CA LEU A 402 50.37 21.74 -23.87
C LEU A 402 49.83 22.69 -24.94
N MET A 403 50.17 23.97 -24.81
CA MET A 403 49.70 24.98 -25.73
C MET A 403 50.10 24.65 -27.16
N LYS A 404 51.06 23.75 -27.30
CA LYS A 404 51.53 23.35 -28.61
C LYS A 404 51.15 21.92 -28.92
N LYS A 405 50.78 21.18 -27.87
CA LYS A 405 50.35 19.81 -28.06
C LYS A 405 48.95 19.84 -28.65
N LEU A 406 48.31 21.00 -28.59
CA LEU A 406 46.98 21.11 -29.15
C LEU A 406 47.01 21.42 -30.65
N ASP A 407 48.20 21.51 -31.22
CA ASP A 407 48.34 21.79 -32.64
C ASP A 407 49.25 20.78 -33.39
N GLY A 408 49.80 19.81 -32.66
CA GLY A 408 50.75 18.87 -33.24
C GLY A 408 51.69 18.26 -32.23
N ASP A 409 51.73 16.93 -32.19
CA ASP A 409 52.42 16.20 -31.12
C ASP A 409 53.64 15.45 -31.59
N THR A 410 54.70 15.55 -30.78
CA THR A 410 55.93 14.79 -30.90
C THR A 410 55.91 13.73 -29.82
N ARG A 411 57.06 13.44 -29.23
CA ARG A 411 57.18 12.40 -28.21
C ARG A 411 56.95 12.87 -26.78
N ASP A 412 56.41 14.06 -26.65
CA ASP A 412 56.13 14.73 -25.37
C ASP A 412 57.20 14.97 -24.31
N GLU A 413 58.36 14.35 -24.49
CA GLU A 413 59.64 14.72 -23.93
C GLU A 413 60.35 15.77 -24.80
N GLU A 414 60.51 15.45 -26.07
CA GLU A 414 61.25 16.27 -26.99
C GLU A 414 60.59 17.61 -26.98
N GLU A 415 59.34 17.60 -26.59
CA GLU A 415 58.58 18.84 -26.48
C GLU A 415 59.24 19.80 -25.48
N ILE A 416 59.57 19.30 -24.29
CA ILE A 416 60.31 20.12 -23.32
C ILE A 416 61.70 20.43 -23.82
N LEU A 417 62.45 19.38 -24.15
CA LEU A 417 63.86 19.55 -24.50
C LEU A 417 64.02 20.62 -25.59
N GLU A 418 62.90 20.98 -26.18
CA GLU A 418 62.82 22.05 -27.17
C GLU A 418 62.22 23.27 -26.49
N GLU A 419 61.41 22.99 -25.48
CA GLU A 419 60.62 24.01 -24.81
C GLU A 419 61.46 24.78 -23.78
N VAL A 420 62.16 24.04 -22.92
CA VAL A 420 63.07 24.65 -21.96
C VAL A 420 64.11 25.47 -22.75
N LEU A 421 64.53 24.96 -23.88
CA LEU A 421 65.53 25.67 -24.64
C LEU A 421 65.00 27.01 -25.06
N ALA A 422 63.77 27.05 -25.55
CA ALA A 422 63.17 28.32 -25.94
C ALA A 422 63.19 29.34 -24.79
N SER A 423 63.12 28.82 -23.55
CA SER A 423 63.15 29.66 -22.35
C SER A 423 64.58 30.12 -22.06
N LEU A 424 65.52 29.20 -22.26
CA LEU A 424 66.93 29.49 -22.20
C LEU A 424 67.16 30.34 -23.42
N GLU A 425 68.24 31.07 -23.36
CA GLU A 425 68.53 32.02 -24.38
C GLU A 425 67.31 32.90 -24.52
N THR A 426 66.74 33.14 -23.34
CA THR A 426 65.88 34.26 -23.05
C THR A 426 65.73 34.34 -21.56
N GLU A 427 66.43 33.42 -20.92
CA GLU A 427 66.44 33.24 -19.46
C GLU A 427 65.24 32.82 -18.62
N GLY A 428 65.31 31.61 -18.09
CA GLY A 428 64.19 30.97 -17.44
C GLY A 428 64.67 30.16 -16.26
N LYS A 429 64.60 30.79 -15.07
CA LYS A 429 65.04 30.17 -13.83
C LYS A 429 66.57 30.31 -13.91
N LEU A 430 67.26 29.19 -13.69
CA LEU A 430 68.72 29.14 -13.58
C LEU A 430 69.16 27.70 -13.33
N ALA A 431 70.01 27.17 -14.22
CA ALA A 431 70.62 25.84 -14.10
C ALA A 431 70.16 24.82 -15.15
N MET B 1 -37.34 -1.93 21.02
CA MET B 1 -36.31 -1.03 21.51
C MET B 1 -36.03 0.02 20.43
N GLN B 2 -34.84 0.61 20.48
CA GLN B 2 -34.37 1.43 19.37
C GLN B 2 -34.08 0.51 18.22
N ILE B 3 -34.63 0.84 17.07
CA ILE B 3 -34.43 0.05 15.88
C ILE B 3 -33.17 0.56 15.21
N PHE B 4 -32.87 1.83 15.44
CA PHE B 4 -31.70 2.44 14.80
C PHE B 4 -30.79 3.08 15.83
N ARG B 5 -29.50 2.75 15.76
CA ARG B 5 -28.48 3.36 16.58
C ARG B 5 -27.36 3.93 15.70
N ASP B 6 -26.69 4.94 16.22
CA ASP B 6 -25.54 5.52 15.53
C ASP B 6 -24.27 4.99 16.22
N VAL B 7 -23.55 4.13 15.52
CA VAL B 7 -22.35 3.54 16.11
C VAL B 7 -21.12 4.02 15.39
N SER B 8 -21.22 5.20 14.77
CA SER B 8 -20.11 5.79 14.06
C SER B 8 -18.90 5.94 14.97
N LYS B 9 -19.17 6.42 16.18
CA LYS B 9 -18.13 6.65 17.17
C LYS B 9 -17.37 5.37 17.47
N LEU B 10 -18.09 4.26 17.68
CA LEU B 10 -17.42 2.98 17.86
C LEU B 10 -16.56 2.65 16.67
N LEU B 11 -17.09 2.88 15.47
CA LEU B 11 -16.38 2.46 14.27
C LEU B 11 -14.96 3.01 14.28
N VAL B 12 -14.83 4.33 14.45
CA VAL B 12 -13.50 4.96 14.43
C VAL B 12 -12.64 4.57 15.64
N GLU B 13 -13.19 4.68 16.85
CA GLU B 13 -12.48 4.27 18.06
C GLU B 13 -12.01 2.81 18.04
N ARG B 14 -12.91 1.89 17.76
CA ARG B 14 -12.63 0.48 17.93
C ARG B 14 -12.29 -0.29 16.66
N VAL B 15 -12.05 0.40 15.54
CA VAL B 15 -11.80 -0.32 14.29
C VAL B 15 -10.47 0.04 13.62
N ASP B 16 -9.65 -0.96 13.39
CA ASP B 16 -8.37 -0.76 12.73
C ASP B 16 -8.50 0.09 11.45
N PRO B 17 -7.85 1.27 11.43
CA PRO B 17 -7.94 2.31 10.39
C PRO B 17 -7.87 1.81 8.96
N LYS B 18 -7.13 0.74 8.67
CA LYS B 18 -7.08 0.24 7.30
C LYS B 18 -8.44 -0.33 6.89
N ILE B 19 -9.10 -0.97 7.83
CA ILE B 19 -10.43 -1.52 7.61
C ILE B 19 -11.46 -0.41 7.66
N LEU B 20 -11.40 0.40 8.71
CA LEU B 20 -12.35 1.49 8.89
C LEU B 20 -12.28 2.44 7.69
N ASN B 21 -11.23 2.30 6.89
CA ASN B 21 -11.07 3.09 5.68
C ASN B 21 -11.80 2.43 4.55
N LEU B 22 -11.60 1.11 4.46
CA LEU B 22 -12.24 0.28 3.46
C LEU B 22 -13.76 0.37 3.60
N PHE B 23 -14.25 0.47 4.83
CA PHE B 23 -15.67 0.72 5.01
C PHE B 23 -16.09 2.04 4.37
N ARG B 24 -15.40 3.12 4.73
CA ARG B 24 -15.68 4.43 4.17
C ARG B 24 -15.68 4.36 2.65
N LEU B 25 -14.70 3.66 2.10
CA LEU B 25 -14.56 3.54 0.66
C LEU B 25 -15.68 2.69 0.04
N LEU B 26 -15.88 1.48 0.55
CA LEU B 26 -16.97 0.63 0.11
C LEU B 26 -18.29 1.39 0.12
N GLY B 27 -18.46 2.29 1.08
CA GLY B 27 -19.69 3.03 1.19
C GLY B 27 -19.76 4.18 0.20
N LYS B 28 -18.60 4.64 -0.27
CA LYS B 28 -18.55 5.75 -1.21
C LYS B 28 -18.78 5.20 -2.60
N PHE B 29 -18.13 4.08 -2.91
CA PHE B 29 -18.44 3.34 -4.12
C PHE B 29 -19.95 3.14 -4.24
N GLY B 30 -20.55 2.59 -3.19
CA GLY B 30 -22.00 2.46 -3.13
C GLY B 30 -22.72 3.70 -3.63
N ASP B 31 -22.38 4.87 -3.09
CA ASP B 31 -23.04 6.09 -3.51
C ASP B 31 -22.76 6.43 -4.97
N GLU B 32 -21.55 6.09 -5.44
CA GLU B 32 -21.11 6.44 -6.78
C GLU B 32 -21.82 5.59 -7.78
N VAL B 33 -21.91 4.32 -7.44
CA VAL B 33 -22.46 3.30 -8.30
C VAL B 33 -23.97 3.14 -8.01
N ASN B 34 -24.48 4.02 -7.16
CA ASN B 34 -25.88 4.03 -6.74
C ASN B 34 -26.57 2.80 -6.14
N MET B 35 -26.14 2.40 -4.96
CA MET B 35 -26.55 1.17 -4.30
C MET B 35 -26.30 1.34 -2.82
N PRO B 36 -27.31 1.07 -1.98
CA PRO B 36 -27.02 0.98 -0.55
C PRO B 36 -26.03 -0.14 -0.26
N VAL B 37 -25.11 0.13 0.67
CA VAL B 37 -24.09 -0.80 1.10
C VAL B 37 -24.16 -1.03 2.61
N TYR B 38 -24.19 -2.29 3.02
CA TYR B 38 -24.25 -2.60 4.45
C TYR B 38 -23.17 -3.62 4.78
N VAL B 39 -22.61 -3.59 6.00
CA VAL B 39 -21.95 -4.79 6.51
C VAL B 39 -22.97 -5.45 7.40
N VAL B 40 -22.94 -6.78 7.43
CA VAL B 40 -24.00 -7.49 8.10
C VAL B 40 -23.45 -8.68 8.81
N GLY B 41 -24.34 -9.49 9.35
CA GLY B 41 -23.93 -10.74 9.97
C GLY B 41 -22.87 -10.65 11.04
N GLY B 42 -21.91 -11.58 10.96
CA GLY B 42 -21.01 -11.84 12.06
C GLY B 42 -20.21 -10.65 12.53
N PHE B 43 -19.71 -9.88 11.57
CA PHE B 43 -18.81 -8.78 11.91
C PHE B 43 -19.51 -7.81 12.84
N VAL B 44 -20.76 -7.48 12.53
CA VAL B 44 -21.49 -6.50 13.32
C VAL B 44 -21.66 -6.99 14.74
N ARG B 45 -21.96 -8.28 14.86
CA ARG B 45 -22.02 -8.90 16.16
C ARG B 45 -20.69 -8.69 16.85
N ASP B 46 -19.63 -9.17 16.21
CA ASP B 46 -18.32 -9.16 16.82
C ASP B 46 -17.87 -7.74 17.17
N LEU B 47 -18.08 -6.79 16.25
CA LEU B 47 -17.73 -5.40 16.53
C LEU B 47 -18.36 -4.95 17.84
N LEU B 48 -19.69 -5.05 17.92
CA LEU B 48 -20.38 -4.66 19.13
C LEU B 48 -19.92 -5.41 20.38
N LEU B 49 -19.36 -6.61 20.22
CA LEU B 49 -18.79 -7.35 21.38
C LEU B 49 -17.34 -6.96 21.63
N GLY B 50 -16.78 -6.14 20.75
CA GLY B 50 -15.38 -5.79 20.84
C GLY B 50 -14.52 -6.98 20.50
N ILE B 51 -14.98 -7.78 19.55
CA ILE B 51 -14.21 -8.93 19.11
C ILE B 51 -13.68 -8.67 17.70
N LYS B 52 -12.53 -9.25 17.38
CA LYS B 52 -11.89 -8.99 16.09
C LYS B 52 -12.50 -9.88 15.02
N ASN B 53 -12.68 -9.35 13.81
CA ASN B 53 -13.20 -10.15 12.70
C ASN B 53 -12.63 -9.63 11.40
N LEU B 54 -12.14 -10.55 10.58
CA LEU B 54 -11.52 -10.21 9.30
C LEU B 54 -12.28 -10.87 8.17
N ASP B 55 -13.47 -11.35 8.49
CA ASP B 55 -14.41 -11.86 7.51
C ASP B 55 -15.56 -10.87 7.40
N ILE B 56 -15.43 -9.90 6.52
CA ILE B 56 -16.43 -8.88 6.42
C ILE B 56 -17.50 -9.20 5.41
N ASP B 57 -18.70 -9.36 5.90
CA ASP B 57 -19.89 -9.55 5.07
C ASP B 57 -20.50 -8.20 4.65
N ILE B 58 -20.44 -7.92 3.36
CA ILE B 58 -21.17 -6.81 2.80
C ILE B 58 -22.36 -7.27 1.93
N VAL B 59 -23.50 -6.65 2.16
CA VAL B 59 -24.71 -6.88 1.41
C VAL B 59 -25.02 -5.57 0.70
N VAL B 60 -25.24 -5.64 -0.62
CA VAL B 60 -25.64 -4.45 -1.38
C VAL B 60 -27.02 -4.63 -1.96
N GLU B 61 -27.75 -3.53 -2.04
CA GLU B 61 -28.99 -3.48 -2.78
C GLU B 61 -28.67 -2.98 -4.20
N GLY B 62 -28.66 -3.90 -5.16
CA GLY B 62 -28.25 -3.62 -6.53
C GLY B 62 -27.61 -4.90 -7.04
N ASN B 63 -26.86 -4.81 -8.12
CA ASN B 63 -26.10 -5.98 -8.51
C ASN B 63 -24.81 -6.11 -7.67
N ALA B 64 -24.55 -7.31 -7.13
CA ALA B 64 -23.32 -7.52 -6.33
C ALA B 64 -22.04 -7.50 -7.17
N LEU B 65 -22.04 -8.23 -8.29
CA LEU B 65 -20.89 -8.22 -9.21
C LEU B 65 -20.57 -6.80 -9.66
N GLU B 66 -21.50 -6.17 -10.36
CA GLU B 66 -21.35 -4.76 -10.73
C GLU B 66 -20.56 -4.03 -9.68
N PHE B 67 -21.07 -4.07 -8.45
CA PHE B 67 -20.46 -3.34 -7.35
C PHE B 67 -19.05 -3.83 -7.08
N ALA B 68 -18.85 -5.15 -7.18
CA ALA B 68 -17.54 -5.71 -6.88
C ALA B 68 -16.47 -5.31 -7.92
N GLU B 69 -16.78 -5.45 -9.20
CA GLU B 69 -15.85 -5.00 -10.24
C GLU B 69 -15.51 -3.54 -10.01
N TYR B 70 -16.51 -2.75 -9.68
CA TYR B 70 -16.32 -1.33 -9.53
C TYR B 70 -15.41 -1.06 -8.35
N ALA B 71 -15.50 -1.88 -7.32
CA ALA B 71 -14.60 -1.75 -6.20
C ALA B 71 -13.18 -2.13 -6.60
N LYS B 72 -13.00 -3.21 -7.31
CA LYS B 72 -11.64 -3.59 -7.58
C LYS B 72 -10.98 -2.52 -8.38
N ARG B 73 -11.71 -1.93 -9.31
CA ARG B 73 -11.09 -0.89 -10.10
C ARG B 73 -10.23 0.00 -9.21
N PHE B 74 -10.60 0.09 -7.95
CA PHE B 74 -9.93 0.95 -7.02
C PHE B 74 -9.39 0.22 -5.80
N LEU B 75 -9.30 -1.10 -5.84
CA LEU B 75 -8.70 -1.82 -4.72
C LEU B 75 -7.59 -2.76 -5.18
N PRO B 76 -6.71 -3.16 -4.24
CA PRO B 76 -5.57 -4.02 -4.57
C PRO B 76 -5.80 -5.43 -4.07
N GLY B 77 -6.49 -6.23 -4.85
CA GLY B 77 -6.75 -7.60 -4.45
C GLY B 77 -7.07 -8.50 -5.62
N LYS B 78 -7.60 -9.68 -5.31
CA LYS B 78 -8.00 -10.65 -6.32
C LYS B 78 -9.52 -10.75 -6.27
N LEU B 79 -10.17 -10.75 -7.44
CA LEU B 79 -11.64 -10.81 -7.47
C LEU B 79 -12.23 -12.07 -8.10
N VAL B 80 -12.85 -12.90 -7.26
CA VAL B 80 -13.59 -14.05 -7.73
C VAL B 80 -15.07 -13.71 -7.76
N LYS B 81 -15.66 -13.76 -8.95
CA LYS B 81 -17.11 -13.64 -9.04
C LYS B 81 -17.68 -15.03 -8.81
N HIS B 82 -18.93 -15.09 -8.40
CA HIS B 82 -19.68 -16.36 -8.35
C HIS B 82 -20.99 -16.11 -9.09
N ASP B 83 -21.02 -16.42 -10.37
CA ASP B 83 -22.03 -15.87 -11.27
C ASP B 83 -23.51 -16.18 -10.97
N LYS B 84 -23.85 -17.44 -10.78
CA LYS B 84 -25.23 -17.76 -10.46
C LYS B 84 -25.46 -17.63 -8.96
N PHE B 85 -26.63 -17.13 -8.58
CA PHE B 85 -26.92 -16.74 -7.21
C PHE B 85 -25.88 -15.68 -6.87
N MET B 86 -26.04 -14.52 -7.50
CA MET B 86 -24.98 -13.56 -7.58
C MET B 86 -24.46 -13.21 -6.24
N THR B 87 -23.17 -13.44 -6.12
CA THR B 87 -22.38 -12.92 -5.00
C THR B 87 -20.90 -12.93 -5.35
N ALA B 88 -20.17 -11.94 -4.84
CA ALA B 88 -18.75 -11.81 -5.11
C ALA B 88 -17.91 -11.89 -3.85
N SER B 89 -16.63 -12.16 -4.02
CA SER B 89 -15.71 -12.23 -2.90
C SER B 89 -14.38 -11.55 -3.27
N LEU B 90 -14.01 -10.54 -2.51
CA LEU B 90 -12.82 -9.74 -2.81
C LEU B 90 -11.67 -9.98 -1.81
N PHE B 91 -10.60 -10.59 -2.29
CA PHE B 91 -9.46 -10.95 -1.44
C PHE B 91 -8.42 -9.85 -1.41
N LEU B 92 -8.23 -9.28 -0.23
CA LEU B 92 -7.41 -8.08 -0.13
C LEU B 92 -6.05 -8.35 0.49
N LYS B 93 -5.07 -7.52 0.10
CA LYS B 93 -3.68 -7.71 0.50
C LYS B 93 -3.51 -7.88 2.02
N GLY B 94 -4.38 -7.22 2.78
CA GLY B 94 -4.26 -7.21 4.24
C GLY B 94 -4.43 -8.55 4.93
N GLY B 95 -4.72 -9.61 4.18
CA GLY B 95 -4.98 -10.93 4.74
C GLY B 95 -6.45 -11.15 5.09
N LEU B 96 -7.32 -10.37 4.47
CA LEU B 96 -8.75 -10.40 4.79
C LEU B 96 -9.55 -10.43 3.52
N ARG B 97 -10.81 -10.82 3.64
CA ARG B 97 -11.70 -10.95 2.50
C ARG B 97 -13.00 -10.19 2.67
N ILE B 98 -13.37 -9.44 1.63
CA ILE B 98 -14.71 -8.87 1.57
C ILE B 98 -15.67 -9.82 0.85
N ASP B 99 -16.69 -10.31 1.56
CA ASP B 99 -17.73 -11.12 0.93
C ASP B 99 -18.90 -10.22 0.52
N ILE B 100 -19.17 -10.14 -0.77
CA ILE B 100 -20.22 -9.24 -1.25
C ILE B 100 -21.42 -9.98 -1.84
N ALA B 101 -22.62 -9.61 -1.39
CA ALA B 101 -23.85 -10.26 -1.86
C ALA B 101 -24.98 -9.30 -2.20
N THR B 102 -25.86 -9.74 -3.09
CA THR B 102 -27.02 -8.96 -3.47
C THR B 102 -28.14 -9.26 -2.48
N ALA B 103 -28.69 -8.20 -1.89
CA ALA B 103 -29.72 -8.33 -0.85
C ALA B 103 -30.81 -9.30 -1.25
N ARG B 104 -31.26 -9.17 -2.51
CA ARG B 104 -32.20 -10.12 -3.14
C ARG B 104 -33.75 -9.98 -3.13
N LEU B 105 -34.36 -8.79 -3.02
CA LEU B 105 -35.82 -8.81 -3.09
C LEU B 105 -36.09 -9.42 -4.45
N GLU B 106 -34.99 -9.63 -5.17
CA GLU B 106 -35.00 -10.11 -6.55
C GLU B 106 -33.63 -10.71 -6.88
N PRO B 115 -34.44 6.51 0.99
CA PRO B 115 -35.43 6.12 1.96
C PRO B 115 -36.29 5.10 1.30
N ASP B 116 -36.60 5.40 0.06
CA ASP B 116 -37.44 4.55 -0.75
C ASP B 116 -37.23 3.10 -0.39
N VAL B 117 -38.11 2.56 0.45
CA VAL B 117 -38.12 1.13 0.71
C VAL B 117 -36.75 0.51 0.76
N GLU B 118 -35.75 1.28 1.18
CA GLU B 118 -34.41 0.73 1.32
C GLU B 118 -34.39 -0.17 2.55
N MET B 119 -35.06 0.25 3.60
CA MET B 119 -35.11 -0.53 4.84
C MET B 119 -35.90 -1.85 4.69
N SER B 120 -37.01 -1.82 3.98
CA SER B 120 -37.77 -3.04 3.67
C SER B 120 -36.87 -4.16 3.18
N THR B 121 -36.16 -3.91 2.10
CA THR B 121 -35.36 -4.93 1.42
C THR B 121 -34.24 -5.51 2.27
N ILE B 122 -33.59 -4.65 3.05
CA ILE B 122 -32.48 -5.08 3.89
C ILE B 122 -33.04 -5.84 5.08
N LYS B 123 -34.17 -5.35 5.59
CA LYS B 123 -34.92 -6.05 6.63
C LYS B 123 -35.32 -7.45 6.15
N LYS B 124 -35.71 -7.56 4.89
CA LYS B 124 -36.01 -8.87 4.30
C LYS B 124 -34.77 -9.74 4.38
N ASP B 125 -33.62 -9.19 3.98
CA ASP B 125 -32.37 -9.95 4.04
C ASP B 125 -32.01 -10.36 5.47
N LEU B 126 -32.29 -9.49 6.42
CA LEU B 126 -31.96 -9.76 7.81
C LEU B 126 -32.91 -10.80 8.44
N TYR B 127 -34.22 -10.69 8.16
CA TYR B 127 -35.22 -11.59 8.74
C TYR B 127 -34.92 -13.03 8.34
N ARG B 128 -34.28 -13.16 7.19
CA ARG B 128 -33.89 -14.44 6.62
C ARG B 128 -32.86 -15.22 7.49
N ARG B 129 -32.33 -14.57 8.53
CA ARG B 129 -31.17 -15.15 9.22
C ARG B 129 -31.50 -16.03 10.43
N ASP B 130 -30.46 -16.55 11.08
CA ASP B 130 -30.63 -17.48 12.23
C ASP B 130 -31.02 -16.81 13.53
N PHE B 131 -30.09 -16.05 14.09
CA PHE B 131 -30.33 -15.43 15.39
C PHE B 131 -30.17 -13.89 15.42
N THR B 132 -30.98 -13.26 16.26
CA THR B 132 -30.91 -11.84 16.47
C THR B 132 -29.48 -11.30 16.47
N ILE B 133 -28.56 -11.87 17.24
CA ILE B 133 -27.23 -11.24 17.34
C ILE B 133 -26.52 -11.22 15.99
N ASN B 134 -27.01 -12.01 15.05
CA ASN B 134 -26.39 -12.10 13.73
C ASN B 134 -27.26 -11.46 12.65
N ALA B 135 -28.41 -10.95 13.05
CA ALA B 135 -29.34 -10.37 12.10
C ALA B 135 -29.24 -8.86 12.08
N MET B 136 -28.06 -8.35 12.41
CA MET B 136 -27.87 -6.91 12.39
C MET B 136 -27.10 -6.40 11.17
N ALA B 137 -27.21 -5.09 10.92
CA ALA B 137 -26.54 -4.48 9.78
C ALA B 137 -26.05 -3.06 10.08
N ILE B 138 -24.95 -2.66 9.45
CA ILE B 138 -24.46 -1.31 9.60
C ILE B 138 -24.31 -0.74 8.21
N LYS B 139 -24.89 0.44 7.99
CA LYS B 139 -24.92 1.06 6.67
C LYS B 139 -23.61 1.78 6.44
N LEU B 140 -23.02 1.60 5.27
CA LEU B 140 -21.71 2.18 4.96
C LEU B 140 -21.82 3.46 4.14
N ASN B 141 -22.94 3.64 3.48
CA ASN B 141 -23.08 4.79 2.62
C ASN B 141 -22.87 6.06 3.42
N PRO B 142 -22.00 6.94 2.92
CA PRO B 142 -21.58 8.14 3.63
C PRO B 142 -22.74 8.86 4.33
N LYS B 143 -23.78 9.19 3.57
CA LYS B 143 -24.89 9.93 4.15
C LYS B 143 -25.28 9.37 5.52
N ASP B 144 -25.26 8.03 5.67
CA ASP B 144 -25.62 7.34 6.92
C ASP B 144 -24.53 6.40 7.49
N PHE B 145 -23.28 6.84 7.51
CA PHE B 145 -22.16 5.95 7.82
C PHE B 145 -22.29 5.17 9.12
N GLY B 146 -22.67 5.84 10.19
CA GLY B 146 -22.72 5.13 11.45
C GLY B 146 -23.82 4.10 11.61
N LEU B 147 -24.73 4.05 10.64
CA LEU B 147 -26.08 3.51 10.89
C LEU B 147 -26.17 2.04 11.26
N LEU B 148 -26.53 1.76 12.50
CA LEU B 148 -26.77 0.40 12.95
C LEU B 148 -28.25 0.16 12.73
N ILE B 149 -28.57 -0.93 12.04
CA ILE B 149 -29.96 -1.24 11.72
C ILE B 149 -30.33 -2.55 12.38
N ASP B 150 -31.22 -2.47 13.37
CA ASP B 150 -31.48 -3.61 14.23
C ASP B 150 -32.96 -3.77 14.48
N PHE B 151 -33.65 -4.49 13.61
CA PHE B 151 -35.10 -4.60 13.73
C PHE B 151 -35.50 -5.54 14.87
N PHE B 152 -34.69 -6.55 15.13
CA PHE B 152 -35.14 -7.67 15.94
C PHE B 152 -34.57 -7.72 17.36
N GLY B 153 -34.09 -6.58 17.83
CA GLY B 153 -33.54 -6.48 19.17
C GLY B 153 -32.33 -7.36 19.35
N GLY B 154 -31.45 -7.34 18.37
CA GLY B 154 -30.23 -8.11 18.42
C GLY B 154 -29.24 -7.40 19.31
N TYR B 155 -29.32 -6.07 19.32
CA TYR B 155 -28.44 -5.28 20.18
C TYR B 155 -28.72 -5.60 21.63
N ARG B 156 -29.97 -5.41 22.05
CA ARG B 156 -30.32 -5.70 23.43
C ARG B 156 -29.97 -7.14 23.81
N ASP B 157 -29.97 -8.04 22.83
CA ASP B 157 -29.70 -9.46 23.09
C ASP B 157 -28.23 -9.71 23.26
N LEU B 158 -27.39 -8.91 22.60
CA LEU B 158 -25.97 -8.96 22.88
C LEU B 158 -25.70 -8.60 24.33
N LYS B 159 -26.21 -7.46 24.78
CA LYS B 159 -25.90 -6.99 26.12
C LYS B 159 -26.43 -7.96 27.15
N GLU B 160 -27.55 -8.60 26.86
CA GLU B 160 -28.15 -9.53 27.81
C GLU B 160 -27.55 -10.91 27.67
N GLY B 161 -26.80 -11.12 26.59
CA GLY B 161 -26.12 -12.39 26.36
C GLY B 161 -27.02 -13.46 25.78
N VAL B 162 -28.20 -13.04 25.34
CA VAL B 162 -29.25 -13.93 24.87
C VAL B 162 -29.08 -14.44 23.44
N ILE B 163 -29.31 -15.74 23.23
CA ILE B 163 -29.44 -16.31 21.89
C ILE B 163 -30.89 -16.67 21.54
N ARG B 164 -31.33 -16.22 20.37
CA ARG B 164 -32.75 -16.15 20.04
C ARG B 164 -32.97 -16.23 18.55
N VAL B 165 -33.74 -17.22 18.09
CA VAL B 165 -34.07 -17.29 16.68
C VAL B 165 -34.97 -16.12 16.27
N LEU B 166 -35.11 -15.89 14.98
CA LEU B 166 -35.74 -14.67 14.52
C LEU B 166 -37.24 -14.80 14.47
N HIS B 167 -37.71 -15.99 14.15
CA HIS B 167 -39.15 -16.28 14.01
C HIS B 167 -39.40 -17.78 14.24
N THR B 168 -40.66 -18.12 14.44
CA THR B 168 -41.08 -19.48 14.74
C THR B 168 -40.47 -20.62 13.90
N LEU B 169 -40.29 -20.40 12.61
CA LEU B 169 -39.77 -21.45 11.74
C LEU B 169 -38.27 -21.35 11.41
N SER B 170 -37.55 -20.46 12.09
CA SER B 170 -36.09 -20.42 11.98
C SER B 170 -35.42 -21.80 12.01
N PHE B 171 -35.93 -22.70 12.86
CA PHE B 171 -35.39 -24.06 12.90
C PHE B 171 -35.99 -24.97 11.81
N VAL B 172 -37.24 -24.74 11.44
CA VAL B 172 -37.87 -25.54 10.39
C VAL B 172 -37.27 -25.26 9.01
N ASP B 173 -36.76 -24.04 8.83
CA ASP B 173 -36.17 -23.63 7.56
C ASP B 173 -34.75 -24.14 7.42
N ASP B 174 -34.01 -24.21 8.52
CA ASP B 174 -32.63 -24.63 8.46
C ASP B 174 -32.24 -25.39 9.74
N PRO B 175 -32.67 -26.66 9.85
CA PRO B 175 -32.52 -27.42 11.10
C PRO B 175 -31.07 -27.48 11.56
N THR B 176 -30.18 -27.18 10.64
CA THR B 176 -28.76 -27.05 10.92
C THR B 176 -28.48 -25.97 11.98
N ARG B 177 -29.49 -25.15 12.27
CA ARG B 177 -29.37 -24.09 13.26
C ARG B 177 -29.53 -24.63 14.69
N ILE B 178 -30.11 -25.81 14.79
CA ILE B 178 -30.16 -26.51 16.07
C ILE B 178 -28.74 -26.55 16.58
N LEU B 179 -27.80 -26.92 15.71
CA LEU B 179 -26.41 -27.05 16.08
C LEU B 179 -25.71 -25.68 16.25
N ARG B 180 -26.00 -24.75 15.34
CA ARG B 180 -25.44 -23.42 15.46
C ARG B 180 -25.74 -22.79 16.82
N ALA B 181 -26.99 -22.89 17.25
CA ALA B 181 -27.38 -22.26 18.52
C ALA B 181 -26.56 -22.79 19.71
N ILE B 182 -26.33 -24.10 19.74
CA ILE B 182 -25.51 -24.64 20.79
C ILE B 182 -24.08 -24.10 20.67
N ARG B 183 -23.55 -24.04 19.44
CA ARG B 183 -22.22 -23.53 19.21
C ARG B 183 -22.02 -22.14 19.80
N PHE B 184 -22.90 -21.21 19.40
CA PHE B 184 -22.79 -19.83 19.89
C PHE B 184 -22.94 -19.75 21.39
N GLU B 185 -23.73 -20.65 21.98
CA GLU B 185 -23.80 -20.65 23.43
C GLU B 185 -22.48 -20.92 24.11
N GLN B 186 -21.76 -21.92 23.61
CA GLN B 186 -20.46 -22.22 24.16
C GLN B 186 -19.37 -21.23 23.72
N ARG B 187 -19.52 -20.66 22.53
CA ARG B 187 -18.56 -19.68 22.00
C ARG B 187 -18.46 -18.37 22.72
N PHE B 188 -19.60 -17.81 23.08
CA PHE B 188 -19.69 -16.59 23.84
C PHE B 188 -20.45 -17.15 24.96
N ASP B 189 -20.43 -16.56 26.11
CA ASP B 189 -21.15 -17.30 27.15
C ASP B 189 -22.61 -16.85 27.19
N PHE B 190 -23.34 -17.23 26.16
CA PHE B 190 -24.71 -16.80 26.00
C PHE B 190 -25.58 -18.00 26.26
N ARG B 191 -26.81 -17.74 26.70
CA ARG B 191 -27.81 -18.80 26.81
C ARG B 191 -29.03 -18.58 25.87
N ILE B 192 -29.27 -19.60 25.05
CA ILE B 192 -30.49 -19.74 24.26
C ILE B 192 -31.70 -19.51 25.15
N GLU B 193 -32.52 -18.50 24.80
CA GLU B 193 -33.70 -18.16 25.59
C GLU B 193 -34.85 -19.17 25.47
N GLU B 194 -35.88 -18.93 26.27
CA GLU B 194 -36.97 -19.89 26.49
C GLU B 194 -37.65 -20.34 25.22
N THR B 195 -38.26 -19.38 24.52
CA THR B 195 -39.00 -19.68 23.31
C THR B 195 -38.18 -20.44 22.28
N THR B 196 -37.00 -19.92 21.96
CA THR B 196 -36.24 -20.58 20.92
C THR B 196 -35.77 -21.94 21.42
N GLU B 197 -35.55 -22.09 22.73
CA GLU B 197 -35.30 -23.42 23.28
C GLU B 197 -36.51 -24.35 23.12
N ARG B 198 -37.69 -23.82 23.42
CA ARG B 198 -38.91 -24.57 23.15
C ARG B 198 -38.88 -25.01 21.68
N LEU B 199 -38.68 -24.05 20.78
CA LEU B 199 -38.68 -24.30 19.34
C LEU B 199 -37.59 -25.28 18.92
N LEU B 200 -36.41 -25.10 19.50
CA LEU B 200 -35.28 -25.95 19.20
C LEU B 200 -35.64 -27.39 19.53
N LYS B 201 -36.14 -27.61 20.75
CA LYS B 201 -36.53 -28.96 21.14
C LYS B 201 -37.57 -29.68 20.23
N GLN B 202 -38.60 -28.98 19.73
CA GLN B 202 -39.48 -29.60 18.74
C GLN B 202 -38.72 -30.05 17.49
N ALA B 203 -38.08 -29.10 16.81
CA ALA B 203 -37.47 -29.41 15.54
C ALA B 203 -36.74 -30.74 15.66
N VAL B 204 -36.13 -30.96 16.81
CA VAL B 204 -35.40 -32.20 17.00
C VAL B 204 -36.32 -33.36 17.34
N GLU B 205 -37.35 -33.10 18.12
CA GLU B 205 -38.28 -34.15 18.50
C GLU B 205 -39.01 -34.68 17.28
N GLU B 206 -39.47 -33.77 16.42
CA GLU B 206 -40.27 -34.13 15.26
C GLU B 206 -39.41 -34.78 14.17
N GLY B 207 -38.17 -34.32 14.04
CA GLY B 207 -37.20 -34.96 13.18
C GLY B 207 -36.58 -34.11 12.08
N TYR B 208 -36.55 -32.80 12.28
CA TYR B 208 -35.97 -31.94 11.27
C TYR B 208 -34.47 -32.13 11.05
N LEU B 209 -33.81 -32.86 11.93
CA LEU B 209 -32.40 -33.19 11.72
C LEU B 209 -32.29 -34.32 10.69
N GLU B 210 -33.06 -35.38 10.88
CA GLU B 210 -33.04 -36.49 9.94
C GLU B 210 -33.47 -35.97 8.58
N ARG B 211 -34.24 -34.90 8.60
CA ARG B 211 -34.73 -34.30 7.38
C ARG B 211 -33.66 -33.48 6.67
N THR B 212 -32.71 -32.93 7.42
CA THR B 212 -31.58 -32.23 6.81
C THR B 212 -30.46 -33.16 6.39
N THR B 213 -29.74 -32.70 5.38
CA THR B 213 -28.76 -33.50 4.66
C THR B 213 -27.62 -33.89 5.57
N GLY B 214 -26.95 -34.99 5.21
CA GLY B 214 -25.78 -35.42 5.95
C GLY B 214 -24.66 -34.40 5.98
N PRO B 215 -24.12 -34.04 4.81
CA PRO B 215 -22.89 -33.25 4.78
C PRO B 215 -23.00 -31.94 5.56
N ARG B 216 -24.16 -31.27 5.50
CA ARG B 216 -24.29 -29.98 6.17
C ARG B 216 -24.15 -30.20 7.66
N LEU B 217 -24.74 -31.27 8.14
CA LEU B 217 -24.66 -31.66 9.54
C LEU B 217 -23.23 -31.87 9.99
N ARG B 218 -22.47 -32.67 9.23
CA ARG B 218 -21.09 -32.97 9.59
C ARG B 218 -20.19 -31.74 9.76
N GLN B 219 -20.31 -30.80 8.85
CA GLN B 219 -19.53 -29.57 8.88
C GLN B 219 -19.84 -28.83 10.17
N GLU B 220 -21.14 -28.63 10.37
CA GLU B 220 -21.65 -27.95 11.56
C GLU B 220 -21.22 -28.63 12.87
N LEU B 221 -20.98 -29.94 12.81
CA LEU B 221 -20.43 -30.67 13.95
C LEU B 221 -18.94 -30.40 14.10
N GLU B 222 -18.23 -30.54 12.98
CA GLU B 222 -16.80 -30.22 12.95
C GLU B 222 -16.56 -28.84 13.59
N LYS B 223 -17.36 -27.86 13.17
CA LYS B 223 -17.36 -26.54 13.79
C LYS B 223 -17.60 -26.56 15.31
N ILE B 224 -18.52 -27.40 15.78
CA ILE B 224 -18.81 -27.47 17.22
C ILE B 224 -17.60 -27.99 17.98
N LEU B 225 -16.96 -29.00 17.42
CA LEU B 225 -15.74 -29.54 18.02
C LEU B 225 -14.46 -28.65 17.94
N GLU B 226 -14.40 -27.69 17.03
CA GLU B 226 -13.22 -26.83 16.94
C GLU B 226 -13.35 -25.65 17.88
N GLU B 227 -14.58 -25.38 18.32
CA GLU B 227 -14.89 -24.23 19.18
C GLU B 227 -14.42 -24.38 20.61
N LYS B 228 -14.76 -23.44 21.48
CA LYS B 228 -14.20 -23.38 22.83
C LYS B 228 -14.38 -24.46 23.90
N ASN B 229 -15.59 -24.84 24.25
CA ASN B 229 -15.73 -26.04 25.09
C ASN B 229 -16.63 -27.12 24.46
N PRO B 230 -16.05 -28.02 23.66
CA PRO B 230 -16.75 -29.11 22.97
C PRO B 230 -17.50 -30.06 23.91
N LEU B 231 -16.88 -30.41 25.03
CA LEU B 231 -17.54 -31.29 25.97
C LEU B 231 -18.91 -30.70 26.32
N LYS B 232 -18.93 -29.41 26.66
CA LYS B 232 -20.15 -28.70 26.98
C LYS B 232 -21.13 -28.74 25.83
N SER B 233 -20.64 -28.45 24.63
CA SER B 233 -21.49 -28.48 23.46
C SER B 233 -22.10 -29.88 23.24
N ILE B 234 -21.32 -30.93 23.51
CA ILE B 234 -21.83 -32.27 23.31
C ILE B 234 -22.85 -32.62 24.41
N ARG B 235 -22.53 -32.27 25.63
CA ARG B 235 -23.50 -32.41 26.72
C ARG B 235 -24.77 -31.61 26.47
N ARG B 236 -24.64 -30.39 25.95
CA ARG B 236 -25.83 -29.60 25.69
C ARG B 236 -26.57 -30.29 24.58
N MET B 237 -25.83 -30.86 23.64
CA MET B 237 -26.49 -31.59 22.58
C MET B 237 -27.29 -32.73 23.20
N ALA B 238 -26.66 -33.51 24.05
CA ALA B 238 -27.35 -34.63 24.69
C ALA B 238 -28.58 -34.20 25.52
N GLN B 239 -28.51 -33.02 26.10
CA GLN B 239 -29.63 -32.48 26.85
C GLN B 239 -30.83 -32.14 25.96
N PHE B 240 -30.58 -31.88 24.68
CA PHE B 240 -31.66 -31.59 23.75
C PHE B 240 -32.00 -32.84 22.97
N ASP B 241 -31.29 -33.92 23.24
CA ASP B 241 -31.56 -35.18 22.57
C ASP B 241 -31.04 -35.17 21.13
N VAL B 242 -30.29 -34.15 20.75
CA VAL B 242 -29.89 -34.05 19.37
C VAL B 242 -28.92 -35.14 18.96
N ILE B 243 -28.31 -35.80 19.94
CA ILE B 243 -27.31 -36.82 19.59
C ILE B 243 -27.95 -38.07 19.01
N LYS B 244 -29.04 -38.53 19.60
CA LYS B 244 -29.76 -39.71 19.09
C LYS B 244 -30.21 -39.44 17.66
N HIS B 245 -30.76 -38.25 17.43
CA HIS B 245 -31.22 -37.85 16.11
C HIS B 245 -30.12 -37.58 15.05
N LEU B 246 -28.85 -37.65 15.44
CA LEU B 246 -27.79 -37.63 14.44
C LEU B 246 -27.27 -39.04 14.21
N PHE B 247 -27.17 -39.81 15.30
CA PHE B 247 -26.68 -41.17 15.24
C PHE B 247 -27.62 -42.03 16.08
N PRO B 248 -28.46 -42.82 15.40
CA PRO B 248 -29.66 -43.45 15.98
C PRO B 248 -29.38 -44.54 17.01
N LYS B 249 -28.19 -45.10 17.02
CA LYS B 249 -27.88 -46.19 17.95
C LYS B 249 -26.88 -45.78 19.05
N THR B 250 -26.68 -44.48 19.25
CA THR B 250 -25.73 -44.01 20.26
C THR B 250 -26.44 -43.29 21.41
N TYR B 251 -26.30 -43.85 22.60
CA TYR B 251 -27.08 -43.36 23.73
C TYR B 251 -26.18 -42.68 24.75
N TYR B 252 -26.26 -41.36 24.80
CA TYR B 252 -25.31 -40.57 25.57
C TYR B 252 -25.59 -40.70 27.07
N THR B 253 -25.02 -41.75 27.64
CA THR B 253 -25.19 -42.12 29.05
C THR B 253 -24.00 -41.78 29.91
N PRO B 254 -24.21 -41.77 31.24
CA PRO B 254 -23.13 -41.47 32.16
C PRO B 254 -21.82 -42.10 31.73
N SER B 255 -21.88 -43.36 31.32
CA SER B 255 -20.71 -44.02 30.82
C SER B 255 -20.18 -43.30 29.59
N MET B 256 -20.97 -43.21 28.52
CA MET B 256 -20.46 -42.61 27.31
C MET B 256 -19.91 -41.25 27.64
N ASP B 257 -20.62 -40.52 28.49
CA ASP B 257 -20.18 -39.19 28.87
C ASP B 257 -18.89 -39.15 29.70
N GLU B 258 -18.67 -40.14 30.54
CA GLU B 258 -17.38 -40.25 31.21
C GLU B 258 -16.33 -40.45 30.13
N LYS B 259 -16.57 -41.38 29.20
CA LYS B 259 -15.67 -41.59 28.06
C LYS B 259 -15.34 -40.27 27.37
N MET B 260 -16.36 -39.50 27.05
CA MET B 260 -16.18 -38.24 26.34
C MET B 260 -15.25 -37.31 27.13
N GLU B 261 -15.47 -37.18 28.43
CA GLU B 261 -14.60 -36.36 29.28
C GLU B 261 -13.17 -36.84 29.17
N ASN B 262 -12.90 -38.05 29.59
CA ASN B 262 -11.57 -38.60 29.45
C ASN B 262 -11.00 -38.34 28.04
N LEU B 263 -11.83 -38.47 27.01
CA LEU B 263 -11.36 -38.28 25.64
C LEU B 263 -10.80 -36.89 25.48
N PHE B 264 -11.67 -35.90 25.63
CA PHE B 264 -11.27 -34.50 25.48
C PHE B 264 -10.19 -34.06 26.46
N ARG B 265 -10.10 -34.70 27.62
CA ARG B 265 -9.07 -34.32 28.59
C ARG B 265 -7.73 -34.68 28.01
N ASN B 266 -7.68 -35.83 27.33
CA ASN B 266 -6.44 -36.35 26.78
C ASN B 266 -6.06 -35.90 25.36
N ILE B 267 -7.03 -35.52 24.54
CA ILE B 267 -6.72 -35.11 23.18
C ILE B 267 -5.48 -34.21 23.10
N PRO B 268 -5.42 -33.18 23.93
CA PRO B 268 -4.26 -32.27 23.99
C PRO B 268 -2.95 -33.01 24.21
N TRP B 269 -2.86 -33.79 25.28
CA TRP B 269 -1.67 -34.59 25.51
C TRP B 269 -1.37 -35.43 24.29
N VAL B 270 -2.40 -35.89 23.61
CA VAL B 270 -2.18 -36.76 22.47
C VAL B 270 -1.72 -35.95 21.25
N GLU B 271 -2.24 -34.75 21.12
CA GLU B 271 -1.83 -33.90 20.01
C GLU B 271 -0.36 -33.54 20.09
N GLU B 272 0.09 -33.10 21.27
CA GLU B 272 1.47 -32.67 21.43
C GLU B 272 2.42 -33.85 21.53
N ASN B 273 1.96 -35.02 21.12
CA ASN B 273 2.83 -36.16 20.94
C ASN B 273 2.66 -36.97 19.68
N PHE B 274 1.47 -36.99 19.12
CA PHE B 274 1.29 -37.73 17.90
C PHE B 274 0.77 -36.88 16.78
N GLY B 275 0.47 -35.64 17.09
CA GLY B 275 0.10 -34.71 16.06
C GLY B 275 -1.39 -34.60 15.81
N GLU B 276 -1.75 -34.08 14.67
CA GLU B 276 -3.10 -33.71 14.48
C GLU B 276 -3.96 -34.87 14.83
N VAL B 277 -4.96 -34.56 15.64
CA VAL B 277 -6.03 -35.44 16.03
C VAL B 277 -7.27 -34.94 15.34
N ASP B 278 -7.93 -35.75 14.51
CA ASP B 278 -9.21 -35.29 14.00
C ASP B 278 -10.22 -35.47 15.14
N ARG B 279 -10.69 -34.38 15.71
CA ARG B 279 -11.59 -34.55 16.83
C ARG B 279 -12.99 -35.03 16.43
N PHE B 280 -13.44 -34.74 15.22
CA PHE B 280 -14.70 -35.32 14.77
C PHE B 280 -14.61 -36.84 14.71
N TYR B 281 -13.42 -37.36 14.48
CA TYR B 281 -13.25 -38.82 14.38
C TYR B 281 -13.09 -39.45 15.74
N ALA B 282 -12.54 -38.70 16.66
CA ALA B 282 -12.35 -39.17 18.02
C ALA B 282 -13.71 -39.30 18.64
N VAL B 283 -14.47 -38.22 18.54
CA VAL B 283 -15.81 -38.18 19.09
C VAL B 283 -16.70 -39.28 18.50
N LEU B 284 -16.44 -39.69 17.27
CA LEU B 284 -17.19 -40.78 16.65
C LEU B 284 -16.75 -42.11 17.23
N HIS B 285 -15.49 -42.20 17.62
CA HIS B 285 -14.99 -43.41 18.28
C HIS B 285 -15.76 -43.71 19.57
N VAL B 286 -16.47 -42.74 20.11
CA VAL B 286 -17.23 -42.98 21.32
C VAL B 286 -18.70 -43.19 20.97
N PHE B 287 -19.30 -42.20 20.31
CA PHE B 287 -20.66 -42.27 19.80
C PHE B 287 -21.04 -43.61 19.13
N LEU B 288 -20.09 -44.27 18.46
CA LEU B 288 -20.46 -45.46 17.68
C LEU B 288 -20.01 -46.78 18.23
N GLU B 289 -19.44 -46.85 19.42
CA GLU B 289 -18.94 -48.16 19.84
C GLU B 289 -20.10 -49.11 20.05
N PHE B 290 -19.86 -50.39 19.82
CA PHE B 290 -20.93 -51.39 19.84
C PHE B 290 -22.05 -51.07 18.85
N TYR B 291 -21.69 -50.53 17.70
CA TYR B 291 -22.63 -50.45 16.59
C TYR B 291 -22.54 -51.75 15.77
N ASP B 292 -23.70 -52.18 15.28
CA ASP B 292 -23.83 -53.39 14.47
C ASP B 292 -23.55 -53.07 13.03
N ASP B 293 -23.12 -54.07 12.27
CA ASP B 293 -22.76 -53.89 10.86
C ASP B 293 -23.76 -53.01 10.11
N GLU B 294 -25.05 -53.24 10.36
CA GLU B 294 -26.07 -52.56 9.56
C GLU B 294 -26.12 -51.07 9.89
N SER B 295 -26.41 -50.76 11.14
CA SER B 295 -26.54 -49.37 11.60
C SER B 295 -25.26 -48.59 11.35
N TRP B 296 -24.15 -49.31 11.22
CA TRP B 296 -22.85 -48.71 10.90
C TRP B 296 -22.85 -48.21 9.46
N LYS B 297 -22.94 -49.11 8.50
CA LYS B 297 -23.01 -48.69 7.12
C LYS B 297 -23.98 -47.51 7.03
N GLU B 298 -25.13 -47.67 7.66
CA GLU B 298 -26.19 -46.69 7.56
C GLU B 298 -25.59 -45.31 7.81
N VAL B 299 -24.80 -45.22 8.88
CA VAL B 299 -24.29 -43.94 9.35
C VAL B 299 -23.06 -43.55 8.55
N ARG B 300 -22.35 -44.56 8.05
CA ARG B 300 -21.11 -44.32 7.30
C ARG B 300 -21.43 -43.59 6.01
N ASP B 301 -22.37 -44.13 5.26
CA ASP B 301 -22.71 -43.58 3.97
C ASP B 301 -23.55 -42.29 4.14
N ARG B 302 -23.79 -41.91 5.38
CA ARG B 302 -24.62 -40.75 5.69
C ARG B 302 -23.77 -39.53 6.06
N TYR B 303 -22.56 -39.79 6.54
CA TYR B 303 -21.64 -38.73 6.93
C TYR B 303 -20.31 -38.97 6.23
N SER B 304 -20.37 -39.76 5.17
CA SER B 304 -19.20 -40.03 4.36
C SER B 304 -18.00 -40.36 5.21
N LEU B 305 -18.17 -41.31 6.13
CA LEU B 305 -17.07 -41.69 7.01
C LEU B 305 -16.08 -42.61 6.31
N ARG B 306 -14.90 -42.71 6.92
CA ARG B 306 -13.84 -43.63 6.51
C ARG B 306 -14.39 -45.04 6.74
N ARG B 307 -13.93 -45.99 5.92
CA ARG B 307 -14.56 -47.28 5.86
C ARG B 307 -13.92 -48.26 6.83
N ASN B 308 -12.67 -48.03 7.16
CA ASN B 308 -12.00 -48.88 8.13
C ASN B 308 -12.05 -48.22 9.50
N LEU B 309 -13.07 -47.41 9.73
CA LEU B 309 -13.26 -46.81 11.05
C LEU B 309 -13.73 -47.90 12.01
N ILE B 310 -14.74 -48.61 11.57
CA ILE B 310 -15.47 -49.54 12.37
C ILE B 310 -14.54 -50.58 12.95
N ASN B 311 -13.58 -51.01 12.17
CA ASN B 311 -12.59 -51.99 12.61
C ASN B 311 -11.77 -51.45 13.78
N GLU B 312 -11.27 -50.22 13.62
CA GLU B 312 -10.51 -49.57 14.69
C GLU B 312 -11.37 -49.38 15.92
N ILE B 313 -12.60 -48.97 15.73
CA ILE B 313 -13.46 -48.81 16.88
C ILE B 313 -13.70 -50.13 17.56
N ARG B 314 -14.11 -51.13 16.80
CA ARG B 314 -14.25 -52.45 17.36
C ARG B 314 -12.97 -52.88 18.04
N HIS B 315 -11.83 -52.48 17.49
CA HIS B 315 -10.55 -52.83 18.09
C HIS B 315 -10.41 -52.40 19.56
N VAL B 316 -10.70 -51.14 19.88
CA VAL B 316 -10.71 -50.71 21.27
C VAL B 316 -11.89 -51.31 22.01
N GLU B 317 -13.06 -51.18 21.40
CA GLU B 317 -14.30 -51.66 22.01
C GLU B 317 -14.19 -53.12 22.44
N LYS B 318 -13.25 -53.88 21.85
CA LYS B 318 -13.04 -55.27 22.21
C LYS B 318 -11.88 -55.50 23.18
N SER B 319 -10.91 -54.59 23.19
CA SER B 319 -9.73 -54.77 24.05
C SER B 319 -9.69 -53.87 25.28
N ALA B 320 -10.60 -52.93 25.36
CA ALA B 320 -10.58 -52.01 26.49
C ALA B 320 -10.40 -52.75 27.80
N PRO B 321 -11.13 -53.85 27.98
CA PRO B 321 -11.10 -54.54 29.28
C PRO B 321 -9.75 -55.18 29.46
N ALA B 322 -9.21 -55.72 28.37
CA ALA B 322 -7.87 -56.32 28.40
C ALA B 322 -6.81 -55.26 28.76
N LEU B 323 -6.95 -54.08 28.15
CA LEU B 323 -6.06 -52.96 28.43
C LEU B 323 -6.13 -52.59 29.91
N LEU B 324 -7.34 -52.62 30.45
CA LEU B 324 -7.54 -52.30 31.86
C LEU B 324 -6.86 -53.28 32.80
N GLU B 325 -6.91 -54.56 32.45
CA GLU B 325 -6.30 -55.57 33.30
C GLU B 325 -4.80 -55.44 33.20
N MET B 326 -4.29 -55.31 31.98
CA MET B 326 -2.84 -55.13 31.78
C MET B 326 -2.29 -53.97 32.65
N LEU B 327 -2.86 -52.78 32.48
CA LEU B 327 -2.41 -51.63 33.25
C LEU B 327 -2.60 -51.88 34.75
N SER B 328 -3.34 -52.94 35.04
CA SER B 328 -3.48 -53.44 36.40
C SER B 328 -2.36 -54.46 36.63
N GLU B 329 -1.69 -54.41 37.77
CA GLU B 329 -0.62 -55.36 38.02
C GLU B 329 0.67 -54.82 37.43
N ARG B 330 0.51 -53.85 36.55
CA ARG B 330 1.61 -53.17 35.86
C ARG B 330 2.38 -54.13 34.94
N VAL B 331 1.62 -54.85 34.14
CA VAL B 331 2.21 -55.76 33.22
C VAL B 331 3.19 -55.12 32.30
N PRO B 332 4.40 -55.68 32.24
CA PRO B 332 5.47 -55.12 31.44
C PRO B 332 5.07 -55.01 30.00
N ALA B 333 5.71 -54.02 29.38
CA ALA B 333 5.22 -53.35 28.18
C ALA B 333 5.28 -54.12 26.84
N SER B 334 5.75 -55.37 26.85
CA SER B 334 5.83 -56.15 25.62
C SER B 334 4.42 -56.51 25.10
N PHE B 335 3.47 -56.61 26.03
CA PHE B 335 2.16 -57.21 25.77
C PHE B 335 1.10 -56.23 25.24
N VAL B 336 1.30 -54.94 25.48
CA VAL B 336 0.31 -53.93 25.07
C VAL B 336 0.57 -53.37 23.67
N TYR B 337 1.81 -53.50 23.21
CA TYR B 337 2.18 -53.05 21.88
C TYR B 337 1.11 -53.38 20.84
N PRO B 338 0.69 -54.65 20.78
CA PRO B 338 -0.14 -55.11 19.65
C PRO B 338 -1.48 -54.42 19.63
N LEU B 339 -1.84 -53.79 20.74
CA LEU B 339 -3.12 -53.10 20.86
C LEU B 339 -3.07 -51.74 20.20
N VAL B 340 -1.88 -51.13 20.19
CA VAL B 340 -1.75 -49.77 19.69
C VAL B 340 -1.06 -49.70 18.33
N LYS B 341 -0.70 -50.87 17.81
CA LYS B 341 0.20 -51.01 16.64
C LYS B 341 0.33 -49.85 15.66
N GLY B 342 -0.38 -49.93 14.54
CA GLY B 342 -0.35 -48.87 13.54
C GLY B 342 -1.69 -48.15 13.49
N VAL B 343 -2.14 -47.68 14.65
CA VAL B 343 -3.51 -47.19 14.79
C VAL B 343 -3.55 -45.69 14.71
N SER B 344 -4.76 -45.17 14.48
CA SER B 344 -4.95 -43.74 14.26
C SER B 344 -4.59 -42.95 15.50
N ASN B 345 -4.47 -41.63 15.35
CA ASN B 345 -4.32 -40.79 16.51
C ASN B 345 -5.57 -40.86 17.36
N GLU B 346 -6.72 -40.80 16.71
CA GLU B 346 -7.98 -40.95 17.42
C GLU B 346 -8.05 -42.29 18.15
N THR B 347 -7.74 -43.39 17.47
CA THR B 347 -7.72 -44.70 18.12
C THR B 347 -6.90 -44.65 19.39
N ILE B 348 -5.81 -43.88 19.38
CA ILE B 348 -5.05 -43.73 20.61
C ILE B 348 -5.88 -43.02 21.65
N CYS B 349 -6.58 -41.96 21.24
CA CYS B 349 -7.50 -41.24 22.13
C CYS B 349 -8.55 -42.17 22.73
N HIS B 350 -9.23 -42.91 21.84
CA HIS B 350 -10.31 -43.82 22.20
C HIS B 350 -9.92 -44.68 23.40
N PHE B 351 -8.70 -45.21 23.39
CA PHE B 351 -8.23 -45.98 24.53
C PHE B 351 -8.25 -45.08 25.73
N LEU B 352 -7.41 -44.05 25.69
CA LEU B 352 -7.38 -43.04 26.73
C LEU B 352 -8.78 -42.62 27.17
N ALA B 353 -9.73 -42.66 26.25
CA ALA B 353 -11.13 -42.46 26.60
C ALA B 353 -11.61 -43.29 27.79
N TYR B 354 -11.04 -44.49 27.98
CA TYR B 354 -11.38 -45.38 29.10
C TYR B 354 -10.60 -45.12 30.39
N LEU B 355 -9.61 -44.21 30.33
CA LEU B 355 -8.66 -44.09 31.43
C LEU B 355 -8.72 -42.79 32.24
N SER B 356 -8.35 -42.89 33.51
CA SER B 356 -8.26 -41.70 34.35
C SER B 356 -7.15 -42.02 35.32
N GLY B 357 -6.71 -41.01 36.06
CA GLY B 357 -5.64 -41.13 37.04
C GLY B 357 -4.52 -42.13 36.74
N GLU B 358 -4.19 -42.91 37.76
CA GLU B 358 -3.02 -43.76 37.74
C GLU B 358 -2.87 -44.59 36.47
N LYS B 359 -3.97 -45.12 35.96
CA LYS B 359 -3.87 -45.96 34.76
C LYS B 359 -3.52 -45.11 33.55
N GLU B 360 -4.26 -44.01 33.39
CA GLU B 360 -3.98 -43.01 32.38
C GLU B 360 -2.49 -42.77 32.36
N GLY B 361 -1.92 -42.50 33.53
CA GLY B 361 -0.49 -42.43 33.70
C GLY B 361 0.26 -43.55 32.99
N LEU B 362 0.39 -44.70 33.65
CA LEU B 362 1.16 -45.81 33.11
C LEU B 362 0.86 -46.08 31.64
N PHE B 363 -0.36 -45.81 31.20
CA PHE B 363 -0.66 -46.00 29.78
C PHE B 363 -0.02 -44.92 28.90
N LYS B 364 0.02 -43.69 29.40
CA LYS B 364 0.80 -42.63 28.76
C LYS B 364 2.20 -43.18 28.50
N SER B 365 2.89 -43.62 29.54
CA SER B 365 4.26 -44.01 29.32
C SER B 365 4.35 -45.06 28.26
N TYR B 366 3.58 -46.11 28.38
CA TYR B 366 3.68 -47.13 27.33
C TYR B 366 3.81 -46.56 25.92
N LEU B 367 2.87 -45.71 25.53
CA LEU B 367 2.84 -45.21 24.15
C LEU B 367 4.13 -44.48 23.79
N LEU B 368 4.73 -43.82 24.77
CA LEU B 368 6.04 -43.22 24.57
C LEU B 368 7.04 -44.34 24.27
N LYS B 369 7.34 -45.17 25.26
CA LYS B 369 8.13 -46.37 25.02
C LYS B 369 7.93 -46.93 23.61
N ILE B 370 6.69 -46.97 23.13
CA ILE B 370 6.39 -47.60 21.85
C ILE B 370 6.79 -46.78 20.60
N LYS B 371 6.41 -45.51 20.53
CA LYS B 371 6.88 -44.68 19.42
C LYS B 371 8.29 -44.18 19.73
N ASN B 372 8.55 -43.95 21.01
CA ASN B 372 9.81 -43.41 21.52
C ASN B 372 11.01 -44.32 21.20
N THR B 373 10.97 -45.56 21.66
CA THR B 373 12.09 -46.48 21.44
C THR B 373 11.69 -47.74 20.68
N LYS B 374 11.61 -47.64 19.36
CA LYS B 374 11.46 -48.82 18.52
C LYS B 374 12.60 -48.90 17.51
N LEU B 375 13.81 -48.60 17.94
CA LEU B 375 14.96 -48.34 17.06
C LEU B 375 15.51 -49.38 16.07
N GLU B 376 15.74 -50.61 16.48
CA GLU B 376 16.19 -51.65 15.56
C GLU B 376 17.23 -51.02 14.65
N LYS B 377 17.88 -49.98 15.14
CA LYS B 377 18.80 -49.18 14.33
C LYS B 377 19.99 -50.01 13.81
N ILE B 378 20.55 -50.83 14.69
CA ILE B 378 21.75 -51.65 14.44
C ILE B 378 21.64 -52.73 13.37
N ASN B 379 20.57 -53.50 13.42
CA ASN B 379 20.17 -54.43 12.39
C ASN B 379 19.52 -53.68 11.22
N GLY B 380 19.03 -54.42 10.23
CA GLY B 380 18.25 -53.85 9.15
C GLY B 380 17.41 -54.93 8.51
N GLU B 381 17.38 -54.97 7.19
CA GLU B 381 16.91 -56.15 6.49
C GLU B 381 18.08 -56.74 5.73
N TYR B 382 19.27 -56.22 6.05
CA TYR B 382 20.51 -56.86 5.64
C TYR B 382 20.76 -58.07 6.51
N LEU B 383 20.82 -57.86 7.82
CA LEU B 383 21.13 -58.96 8.74
C LEU B 383 20.26 -60.17 8.42
N ILE B 384 19.11 -59.91 7.82
CA ILE B 384 18.17 -60.96 7.43
C ILE B 384 18.52 -61.59 6.09
N ARG B 385 19.17 -60.82 5.20
CA ARG B 385 19.70 -61.39 3.96
C ARG B 385 20.79 -62.41 4.29
N LYS B 386 21.31 -62.32 5.50
CA LYS B 386 22.24 -63.32 6.03
C LYS B 386 21.48 -64.59 6.40
N GLY B 387 20.81 -65.21 5.43
CA GLY B 387 20.22 -66.53 5.65
C GLY B 387 18.75 -66.78 5.37
N ILE B 388 17.95 -65.72 5.18
CA ILE B 388 16.50 -65.90 5.03
C ILE B 388 15.85 -65.01 3.96
N THR B 389 15.01 -65.63 3.13
CA THR B 389 14.41 -64.98 1.96
C THR B 389 12.88 -64.96 1.91
N SER B 390 12.22 -65.64 2.85
CA SER B 390 10.76 -65.74 2.85
C SER B 390 10.04 -64.42 3.15
N GLY B 391 9.09 -64.06 2.29
CA GLY B 391 8.38 -62.79 2.35
C GLY B 391 7.65 -62.51 3.65
N LYS B 392 7.18 -63.56 4.31
CA LYS B 392 6.55 -63.42 5.62
C LYS B 392 7.54 -63.64 6.76
N ILE B 393 8.52 -64.52 6.53
CA ILE B 393 9.47 -64.85 7.59
C ILE B 393 10.37 -63.68 7.96
N ILE B 394 10.95 -63.04 6.95
CA ILE B 394 11.69 -61.79 7.19
C ILE B 394 10.88 -60.86 8.08
N GLY B 395 9.58 -60.73 7.77
CA GLY B 395 8.71 -59.79 8.45
C GLY B 395 8.37 -60.13 9.90
N GLU B 396 8.33 -61.42 10.21
CA GLU B 396 8.07 -61.86 11.58
C GLU B 396 9.35 -61.77 12.42
N VAL B 397 10.46 -62.27 11.87
CA VAL B 397 11.76 -62.12 12.50
C VAL B 397 11.87 -60.71 13.08
N LEU B 398 11.69 -59.72 12.21
CA LEU B 398 11.83 -58.31 12.57
C LEU B 398 10.91 -57.83 13.68
N GLU B 399 9.62 -58.17 13.61
CA GLU B 399 8.69 -57.77 14.65
C GLU B 399 8.97 -58.55 15.94
N LYS B 400 9.74 -59.64 15.81
CA LYS B 400 10.10 -60.47 16.97
C LYS B 400 11.19 -59.83 17.81
N ILE B 401 12.24 -59.35 17.15
CA ILE B 401 13.35 -58.73 17.87
C ILE B 401 12.90 -57.41 18.49
N LEU B 402 12.01 -56.71 17.79
CA LEU B 402 11.43 -55.46 18.27
C LEU B 402 10.90 -55.57 19.70
N MET B 403 9.89 -56.43 19.89
CA MET B 403 9.27 -56.62 21.21
C MET B 403 10.29 -56.96 22.29
N LYS B 404 11.30 -57.73 21.92
CA LYS B 404 12.38 -58.04 22.84
C LYS B 404 12.99 -56.73 23.29
N LYS B 405 13.25 -55.85 22.33
CA LYS B 405 13.89 -54.58 22.56
C LYS B 405 12.95 -53.57 23.23
N LEU B 406 11.66 -53.86 23.21
CA LEU B 406 10.66 -52.89 23.68
C LEU B 406 10.71 -52.64 25.20
N ASP B 407 11.03 -53.67 25.98
CA ASP B 407 11.20 -53.48 27.42
C ASP B 407 12.47 -54.12 27.94
N GLY B 408 13.46 -54.31 27.06
CA GLY B 408 14.70 -54.94 27.44
C GLY B 408 15.93 -54.20 26.94
N ASP B 409 16.99 -54.17 27.74
CA ASP B 409 18.22 -53.52 27.32
C ASP B 409 19.31 -54.53 27.01
N THR B 410 19.72 -54.57 25.73
CA THR B 410 20.77 -55.47 25.24
C THR B 410 21.40 -54.96 23.96
N ARG B 411 22.55 -55.53 23.60
CA ARG B 411 23.14 -55.14 22.32
C ARG B 411 22.11 -55.56 21.27
N ASP B 412 22.44 -55.47 20.00
CA ASP B 412 21.44 -55.87 19.04
C ASP B 412 21.74 -57.24 18.46
N GLU B 413 22.62 -57.29 17.48
CA GLU B 413 22.90 -58.58 16.86
C GLU B 413 22.67 -59.75 17.83
N GLU B 414 23.40 -59.74 18.95
CA GLU B 414 23.47 -60.89 19.84
C GLU B 414 22.13 -61.40 20.39
N GLU B 415 21.09 -60.62 20.24
CA GLU B 415 19.78 -61.09 20.67
C GLU B 415 19.07 -61.83 19.52
N ILE B 416 19.46 -61.51 18.28
CA ILE B 416 18.95 -62.22 17.12
C ILE B 416 19.40 -63.68 17.16
N LEU B 417 20.71 -63.89 17.23
CA LEU B 417 21.27 -65.23 17.37
C LEU B 417 20.70 -65.94 18.62
N GLU B 418 20.20 -65.15 19.57
CA GLU B 418 19.69 -65.70 20.83
C GLU B 418 18.23 -66.14 20.77
N GLU B 419 17.36 -65.24 20.32
CA GLU B 419 15.93 -65.56 20.19
C GLU B 419 15.67 -66.37 18.93
N VAL B 420 16.67 -66.50 18.06
CA VAL B 420 16.55 -67.31 16.87
C VAL B 420 16.58 -68.80 17.24
N LEU B 421 16.65 -69.07 18.54
CA LEU B 421 16.48 -70.42 19.07
C LEU B 421 14.99 -70.76 19.09
N ALA B 422 14.19 -69.84 19.63
CA ALA B 422 12.75 -70.00 19.66
C ALA B 422 12.20 -70.10 18.25
N SER B 423 12.97 -69.61 17.29
CA SER B 423 12.60 -69.64 15.88
C SER B 423 13.07 -70.92 15.18
N LEU B 424 14.37 -71.16 15.18
CA LEU B 424 14.91 -72.38 14.54
C LEU B 424 14.35 -73.64 15.19
N GLU B 425 13.68 -73.47 16.32
CA GLU B 425 12.95 -74.56 16.99
C GLU B 425 11.47 -74.52 16.62
N THR B 426 10.85 -75.70 16.59
CA THR B 426 9.45 -75.85 16.21
C THR B 426 9.29 -75.84 14.69
#